data_6KUE
#
_entry.id   6KUE
#
_cell.length_a   63.810
_cell.length_b   85.780
_cell.length_c   110.480
_cell.angle_alpha   90.000
_cell.angle_beta   90.000
_cell.angle_gamma   90.000
#
_symmetry.space_group_name_H-M   'P 21 21 21'
#
loop_
_entity.id
_entity.type
_entity.pdbx_description
1 polymer '3-oxoacyl-[acyl-carrier-protein] synthase III'
2 water water
#
_entity_poly.entity_id   1
_entity_poly.type   'polypeptide(L)'
_entity_poly.pdbx_seq_one_letter_code
;MQTRSSRMAGFGHAVPARCVDNAEIEASLGLEAGWIERRTGIRSRYWAEAGDTLSGLAERAGRMALEDAKINADDIALTL
LATSTPDHLLPPSAPLLAHRLGLTRSGAIDLAGACSGFLYALTLADGFVRTYGRAVLVAAANILSRRINPAERASAVLFA
DAAGAVVLTPCPEVKRGVLSADLVADGSGYDLIQIAAGGSSQPFSAGMIAEDALMTMRDGREVFSRAVALMTNTSQRVLH
EAELTAADISRFVPHQANARMSDAVCGNLGIEREKTVRTIGSFGNSSAATIPLSLSITNAERPLAGGETLLLTAAGAGMT
GGAVVYRV
;
_entity_poly.pdbx_strand_id   A,B
#
# COMPACT_ATOMS: atom_id res chain seq x y z
N GLN A 2 -19.89 -0.93 18.61
CA GLN A 2 -19.60 -0.17 19.82
C GLN A 2 -18.74 1.07 19.50
N THR A 3 -17.74 0.89 18.63
CA THR A 3 -16.83 1.97 18.24
C THR A 3 -17.47 2.83 17.15
N ARG A 4 -17.39 4.16 17.30
CA ARG A 4 -17.97 5.09 16.35
C ARG A 4 -16.98 6.11 15.79
N SER A 5 -15.78 6.21 16.36
CA SER A 5 -14.75 7.11 15.83
C SER A 5 -13.40 6.54 16.20
N SER A 6 -12.35 7.14 15.66
CA SER A 6 -11.01 6.80 16.04
C SER A 6 -10.38 8.02 16.71
N ARG A 7 -9.42 7.76 17.59
CA ARG A 7 -8.73 8.80 18.32
C ARG A 7 -7.24 8.70 18.02
N MET A 8 -6.64 9.84 17.68
CA MET A 8 -5.20 9.90 17.52
C MET A 8 -4.60 9.87 18.92
N ALA A 9 -4.20 8.69 19.39
CA ALA A 9 -3.86 8.52 20.81
C ALA A 9 -2.40 8.76 21.11
N GLY A 10 -1.53 8.69 20.11
CA GLY A 10 -0.11 8.84 20.33
C GLY A 10 0.56 9.27 19.06
N PHE A 11 1.65 10.03 19.20
CA PHE A 11 2.38 10.61 18.08
C PHE A 11 3.87 10.35 18.25
N GLY A 12 4.56 10.21 17.14
CA GLY A 12 6.01 10.08 17.18
C GLY A 12 6.64 10.49 15.86
N HIS A 13 7.93 10.82 15.90
CA HIS A 13 8.65 11.10 14.67
C HIS A 13 10.11 10.75 14.91
N ALA A 14 10.85 10.65 13.81
CA ALA A 14 12.26 10.34 13.94
C ALA A 14 12.96 10.83 12.70
N VAL A 15 14.21 11.25 12.89
CA VAL A 15 15.09 11.64 11.79
C VAL A 15 16.46 11.01 11.99
N PRO A 16 17.17 10.78 10.90
CA PRO A 16 18.55 10.30 10.99
C PRO A 16 19.44 11.34 11.64
N ALA A 17 20.69 10.94 11.90
CA ALA A 17 21.65 11.74 12.68
C ALA A 17 22.30 12.86 11.88
N ARG A 18 22.34 12.80 10.55
CA ARG A 18 23.12 13.77 9.78
C ARG A 18 22.25 14.99 9.47
N CYS A 19 22.57 16.12 10.12
CA CYS A 19 21.93 17.38 9.78
C CYS A 19 22.70 18.04 8.63
N VAL A 20 21.99 18.36 7.56
CA VAL A 20 22.58 18.88 6.34
C VAL A 20 22.07 20.31 6.16
N ASP A 21 22.95 21.29 6.35
CA ASP A 21 22.63 22.69 6.11
C ASP A 21 22.52 22.97 4.62
N ASN A 22 21.83 24.06 4.28
CA ASN A 22 21.73 24.51 2.89
C ASN A 22 23.11 24.74 2.28
N ALA A 23 24.05 25.27 3.06
CA ALA A 23 25.31 25.73 2.49
C ALA A 23 26.08 24.59 1.84
N GLU A 24 26.06 23.41 2.48
CA GLU A 24 26.68 22.24 1.88
C GLU A 24 26.08 21.94 0.52
N ILE A 25 24.74 21.94 0.42
CA ILE A 25 24.10 21.58 -0.84
C ILE A 25 24.32 22.68 -1.88
N GLU A 26 24.21 23.96 -1.48
CA GLU A 26 24.43 25.03 -2.45
C GLU A 26 25.85 24.97 -3.02
N ALA A 27 26.84 24.67 -2.18
CA ALA A 27 28.21 24.47 -2.68
C ALA A 27 28.28 23.34 -3.70
N SER A 28 27.65 22.20 -3.40
CA SER A 28 27.64 21.05 -4.30
C SER A 28 27.05 21.40 -5.66
N LEU A 29 25.98 22.19 -5.67
CA LEU A 29 25.28 22.52 -6.91
C LEU A 29 25.75 23.83 -7.54
N GLY A 30 26.74 24.50 -6.96
CA GLY A 30 27.18 25.78 -7.48
C GLY A 30 26.13 26.87 -7.37
N LEU A 31 25.41 26.91 -6.25
CA LEU A 31 24.36 27.89 -6.04
C LEU A 31 24.85 29.01 -5.13
N GLU A 32 24.38 30.22 -5.41
CA GLU A 32 24.67 31.36 -4.57
C GLU A 32 24.12 31.12 -3.17
N ALA A 33 24.80 31.70 -2.17
CA ALA A 33 24.38 31.58 -0.78
C ALA A 33 22.95 32.08 -0.59
N GLY A 34 22.18 31.34 0.21
CA GLY A 34 20.81 31.72 0.50
C GLY A 34 19.79 31.28 -0.54
N TRP A 35 20.24 30.70 -1.66
CA TRP A 35 19.36 30.25 -2.73
C TRP A 35 18.22 29.37 -2.21
N ILE A 36 18.58 28.32 -1.44
CA ILE A 36 17.59 27.31 -1.04
C ILE A 36 16.52 27.90 -0.13
N GLU A 37 16.94 28.59 0.95
CA GLU A 37 15.91 29.15 1.84
C GLU A 37 15.04 30.17 1.13
N ARG A 38 15.65 30.97 0.24
CA ARG A 38 14.87 31.94 -0.54
C ARG A 38 13.79 31.26 -1.38
N ARG A 39 14.11 30.13 -2.00
CA ARG A 39 13.19 29.55 -2.97
C ARG A 39 12.31 28.44 -2.41
N THR A 40 12.70 27.78 -1.32
CA THR A 40 11.96 26.65 -0.77
C THR A 40 11.49 26.85 0.67
N GLY A 41 12.08 27.80 1.40
CA GLY A 41 11.82 27.93 2.82
C GLY A 41 12.51 26.90 3.70
N ILE A 42 13.29 25.99 3.11
CA ILE A 42 14.07 25.04 3.90
C ILE A 42 15.36 25.71 4.36
N ARG A 43 15.70 25.49 5.62
CA ARG A 43 17.00 25.89 6.15
C ARG A 43 17.94 24.72 6.36
N SER A 44 17.41 23.57 6.78
CA SER A 44 18.21 22.36 6.96
C SER A 44 17.28 21.17 6.86
N ARG A 45 17.89 19.98 6.77
CA ARG A 45 17.14 18.73 6.68
C ARG A 45 18.08 17.62 7.17
N TYR A 46 17.50 16.46 7.47
CA TYR A 46 18.29 15.34 7.96
C TYR A 46 18.43 14.28 6.88
N TRP A 47 19.61 13.67 6.79
CA TRP A 47 19.87 12.63 5.81
C TRP A 47 20.41 11.38 6.48
N ALA A 48 19.98 10.22 5.99
CA ALA A 48 20.49 8.94 6.46
C ALA A 48 21.99 8.84 6.25
N GLU A 49 22.64 8.11 7.14
CA GLU A 49 24.01 7.68 6.95
C GLU A 49 24.01 6.23 6.46
N ALA A 50 25.17 5.80 5.97
CA ALA A 50 25.38 4.43 5.57
C ALA A 50 24.92 3.45 6.66
N GLY A 51 24.16 2.44 6.27
CA GLY A 51 23.69 1.45 7.22
C GLY A 51 22.38 1.77 7.89
N ASP A 52 21.94 3.03 7.87
CA ASP A 52 20.60 3.37 8.30
C ASP A 52 19.58 2.69 7.38
N THR A 53 18.54 2.11 7.97
CA THR A 53 17.45 1.54 7.19
C THR A 53 16.18 2.35 7.39
N LEU A 54 15.31 2.27 6.38
CA LEU A 54 13.97 2.85 6.46
C LEU A 54 13.18 2.25 7.62
N SER A 55 13.23 0.93 7.77
CA SER A 55 12.43 0.29 8.81
C SER A 55 12.98 0.65 10.19
N GLY A 56 14.28 0.87 10.30
CA GLY A 56 14.85 1.31 11.56
C GLY A 56 14.43 2.73 11.92
N LEU A 57 14.38 3.61 10.93
CA LEU A 57 13.89 4.97 11.15
C LEU A 57 12.42 4.96 11.52
N ALA A 58 11.61 4.21 10.76
CA ALA A 58 10.20 4.07 11.07
C ALA A 58 9.98 3.50 12.47
N GLU A 59 10.85 2.59 12.88
CA GLU A 59 10.72 1.96 14.19
C GLU A 59 10.85 2.99 15.32
N ARG A 60 11.76 3.95 15.17
CA ARG A 60 11.92 4.93 16.23
C ARG A 60 10.72 5.85 16.32
N ALA A 61 10.14 6.24 15.17
CA ALA A 61 8.94 7.07 15.21
C ALA A 61 7.77 6.28 15.79
N GLY A 62 7.64 5.01 15.40
CA GLY A 62 6.51 4.23 15.88
C GLY A 62 6.65 3.91 17.37
N ARG A 63 7.86 3.60 17.82
CA ARG A 63 8.06 3.40 19.26
C ARG A 63 7.68 4.66 20.05
N MET A 64 8.05 5.82 19.54
CA MET A 64 7.68 7.06 20.23
C MET A 64 6.16 7.21 20.33
N ALA A 65 5.44 6.81 19.27
CA ALA A 65 3.98 6.98 19.27
C ALA A 65 3.30 5.96 20.19
N LEU A 66 3.77 4.71 20.20
CA LEU A 66 3.25 3.73 21.15
C LEU A 66 3.45 4.18 22.58
N GLU A 67 4.66 4.70 22.88
CA GLU A 67 4.95 5.22 24.22
C GLU A 67 4.02 6.37 24.55
N ASP A 68 3.87 7.33 23.62
CA ASP A 68 2.98 8.48 23.82
C ASP A 68 1.56 8.03 24.13
N ALA A 69 1.09 6.99 23.44
CA ALA A 69 -0.26 6.46 23.63
C ALA A 69 -0.38 5.55 24.85
N LYS A 70 0.74 5.16 25.48
CA LYS A 70 0.73 4.26 26.63
C LYS A 70 -0.10 3.01 26.33
N ILE A 71 0.07 2.46 25.13
CA ILE A 71 -0.80 1.37 24.68
C ILE A 71 -0.07 0.03 24.82
N ASN A 72 -0.83 -0.98 25.23
CA ASN A 72 -0.31 -2.35 25.27
C ASN A 72 -0.01 -2.82 23.84
N ALA A 73 1.14 -3.49 23.67
CA ALA A 73 1.50 -3.93 22.33
C ALA A 73 0.47 -4.90 21.76
N ASP A 74 -0.20 -5.67 22.61
CA ASP A 74 -1.21 -6.61 22.15
C ASP A 74 -2.42 -5.90 21.54
N ASP A 75 -2.61 -4.61 21.82
CA ASP A 75 -3.76 -3.90 21.30
C ASP A 75 -3.59 -3.44 19.85
N ILE A 76 -2.38 -3.49 19.28
CA ILE A 76 -2.18 -3.06 17.90
C ILE A 76 -2.54 -4.20 16.96
N ALA A 77 -3.67 -4.07 16.26
CA ALA A 77 -4.16 -5.10 15.34
C ALA A 77 -3.56 -4.99 13.95
N LEU A 78 -3.01 -3.84 13.60
CA LEU A 78 -2.58 -3.57 12.24
C LEU A 78 -1.56 -2.45 12.25
N THR A 79 -0.52 -2.63 11.45
CA THR A 79 0.51 -1.62 11.21
C THR A 79 0.50 -1.28 9.72
N LEU A 80 0.28 -0.01 9.39
CA LEU A 80 0.35 0.44 8.01
C LEU A 80 1.54 1.39 7.86
N LEU A 81 2.38 1.12 6.87
CA LEU A 81 3.58 1.91 6.64
C LEU A 81 3.45 2.57 5.27
N ALA A 82 3.27 3.89 5.24
CA ALA A 82 3.27 4.62 3.98
C ALA A 82 4.72 4.98 3.66
N THR A 83 5.26 4.40 2.59
CA THR A 83 6.62 4.68 2.21
C THR A 83 6.78 4.46 0.71
N SER A 84 7.64 5.27 0.10
CA SER A 84 8.09 5.06 -1.26
C SER A 84 9.48 4.46 -1.32
N THR A 85 10.14 4.23 -0.18
CA THR A 85 11.54 3.80 -0.15
C THR A 85 11.74 2.64 0.81
N PRO A 86 11.02 1.53 0.62
CA PRO A 86 11.18 0.38 1.53
C PRO A 86 12.60 -0.16 1.48
N ASP A 87 13.01 -0.81 2.58
CA ASP A 87 14.31 -1.47 2.69
C ASP A 87 14.61 -2.27 1.42
N HIS A 88 13.65 -3.11 1.02
CA HIS A 88 13.80 -3.96 -0.15
C HIS A 88 12.52 -3.88 -0.96
N LEU A 89 12.65 -4.16 -2.26
CA LEU A 89 11.47 -4.23 -3.13
C LEU A 89 10.57 -5.40 -2.80
N LEU A 90 11.11 -6.40 -2.09
CA LEU A 90 10.37 -7.52 -1.54
C LEU A 90 11.21 -8.10 -0.42
N PRO A 91 10.63 -8.39 0.76
CA PRO A 91 9.22 -8.10 1.10
C PRO A 91 8.99 -6.64 1.46
N PRO A 92 7.72 -6.25 1.70
CA PRO A 92 7.45 -4.93 2.26
C PRO A 92 8.11 -4.77 3.63
N SER A 93 8.31 -3.51 4.01
CA SER A 93 9.01 -3.18 5.24
C SER A 93 8.11 -3.23 6.47
N ALA A 94 6.80 -3.12 6.29
CA ALA A 94 5.91 -3.05 7.44
C ALA A 94 5.96 -4.28 8.34
N PRO A 95 6.05 -5.53 7.84
CA PRO A 95 6.15 -6.67 8.77
C PRO A 95 7.40 -6.61 9.63
N LEU A 96 8.51 -6.13 9.07
CA LEU A 96 9.72 -5.96 9.87
C LEU A 96 9.55 -4.89 10.93
N LEU A 97 8.96 -3.75 10.55
CA LEU A 97 8.57 -2.71 11.51
C LEU A 97 7.77 -3.28 12.68
N ALA A 98 6.67 -3.97 12.39
CA ALA A 98 5.85 -4.51 13.46
C ALA A 98 6.63 -5.48 14.34
N HIS A 99 7.52 -6.27 13.73
CA HIS A 99 8.28 -7.27 14.47
C HIS A 99 9.25 -6.61 15.45
N ARG A 100 9.97 -5.60 14.97
CA ARG A 100 10.97 -4.94 15.81
C ARG A 100 10.32 -4.22 16.98
N LEU A 101 9.12 -3.67 16.76
CA LEU A 101 8.35 -3.01 17.81
C LEU A 101 7.59 -3.97 18.74
N GLY A 102 7.73 -5.27 18.57
CA GLY A 102 7.06 -6.16 19.51
C GLY A 102 5.57 -6.27 19.32
N LEU A 103 5.06 -5.93 18.15
CA LEU A 103 3.61 -5.91 17.90
C LEU A 103 3.19 -7.27 17.34
N THR A 104 3.20 -8.27 18.23
CA THR A 104 3.00 -9.65 17.85
C THR A 104 1.58 -10.00 17.44
N ARG A 105 0.59 -9.18 17.71
CA ARG A 105 -0.77 -9.43 17.22
C ARG A 105 -1.11 -8.59 15.99
N SER A 106 -0.14 -7.91 15.40
CA SER A 106 -0.41 -6.90 14.39
C SER A 106 -0.24 -7.51 13.00
N GLY A 107 -1.17 -7.23 12.10
CA GLY A 107 -0.91 -7.36 10.68
C GLY A 107 -0.01 -6.22 10.24
N ALA A 108 0.42 -6.25 8.99
CA ALA A 108 1.32 -5.21 8.51
C ALA A 108 1.28 -5.18 6.99
N ILE A 109 1.18 -3.97 6.43
CA ILE A 109 1.31 -3.83 4.98
C ILE A 109 1.83 -2.43 4.70
N ASP A 110 2.51 -2.29 3.55
CA ASP A 110 3.03 -1.02 3.05
C ASP A 110 2.01 -0.38 2.11
N LEU A 111 1.91 0.94 2.15
CA LEU A 111 1.14 1.70 1.17
C LEU A 111 2.07 2.60 0.36
N ALA A 112 1.91 2.59 -0.96
CA ALA A 112 2.69 3.40 -1.87
C ALA A 112 1.76 4.45 -2.50
N GLY A 113 1.73 5.65 -1.89
CA GLY A 113 0.94 6.74 -2.44
C GLY A 113 1.73 8.01 -2.63
N ALA A 114 3.04 7.86 -2.79
CA ALA A 114 3.97 8.99 -2.91
C ALA A 114 3.69 9.98 -1.77
N CYS A 115 3.65 11.28 -2.05
CA CYS A 115 3.50 12.24 -0.96
C CYS A 115 2.14 12.16 -0.28
N SER A 116 1.15 11.52 -0.90
CA SER A 116 -0.20 11.40 -0.34
C SER A 116 -0.36 10.17 0.53
N GLY A 117 0.68 9.35 0.67
CA GLY A 117 0.52 8.04 1.28
C GLY A 117 -0.04 8.07 2.69
N PHE A 118 0.38 9.03 3.52
CA PHE A 118 -0.10 9.01 4.90
C PHE A 118 -1.59 9.31 5.00
N LEU A 119 -2.10 10.23 4.17
CA LEU A 119 -3.52 10.56 4.29
C LEU A 119 -4.38 9.41 3.84
N TYR A 120 -3.93 8.65 2.83
CA TYR A 120 -4.61 7.41 2.47
C TYR A 120 -4.55 6.41 3.62
N ALA A 121 -3.35 6.20 4.18
CA ALA A 121 -3.22 5.25 5.28
C ALA A 121 -4.08 5.68 6.47
N LEU A 122 -4.12 6.97 6.77
CA LEU A 122 -4.92 7.47 7.88
C LEU A 122 -6.40 7.23 7.64
N THR A 123 -6.87 7.52 6.42
CA THR A 123 -8.27 7.29 6.10
C THR A 123 -8.62 5.81 6.18
N LEU A 124 -7.75 4.96 5.64
CA LEU A 124 -8.02 3.52 5.66
C LEU A 124 -7.92 2.95 7.07
N ALA A 125 -6.94 3.40 7.84
CA ALA A 125 -6.83 2.93 9.23
C ALA A 125 -8.07 3.32 10.04
N ASP A 126 -8.55 4.56 9.89
CA ASP A 126 -9.76 5.00 10.58
C ASP A 126 -10.94 4.10 10.25
N GLY A 127 -11.06 3.70 8.98
CA GLY A 127 -12.13 2.78 8.61
C GLY A 127 -11.98 1.44 9.31
N PHE A 128 -10.74 0.97 9.47
CA PHE A 128 -10.49 -0.30 10.14
C PHE A 128 -10.80 -0.19 11.63
N VAL A 129 -10.31 0.88 12.26
CA VAL A 129 -10.63 1.08 13.67
C VAL A 129 -12.14 1.08 13.88
N ARG A 130 -12.87 1.83 13.05
CA ARG A 130 -14.29 1.96 13.28
C ARG A 130 -15.06 0.68 12.96
N THR A 131 -14.54 -0.14 12.05
CA THR A 131 -15.21 -1.39 11.67
C THR A 131 -14.90 -2.51 12.64
N TYR A 132 -13.67 -2.60 13.14
CA TYR A 132 -13.29 -3.73 13.97
C TYR A 132 -13.07 -3.38 15.44
N GLY A 133 -13.07 -2.10 15.80
CA GLY A 133 -12.90 -1.71 17.18
C GLY A 133 -11.55 -2.11 17.74
N ARG A 134 -10.51 -2.02 16.93
CA ARG A 134 -9.14 -2.34 17.35
C ARG A 134 -8.20 -1.26 16.85
N ALA A 135 -7.06 -1.14 17.52
CA ALA A 135 -6.14 -0.04 17.28
C ALA A 135 -5.21 -0.34 16.11
N VAL A 136 -4.73 0.74 15.48
CA VAL A 136 -3.86 0.68 14.31
C VAL A 136 -2.68 1.61 14.54
N LEU A 137 -1.48 1.14 14.20
CA LEU A 137 -0.32 2.01 14.10
C LEU A 137 -0.19 2.45 12.65
N VAL A 138 -0.27 3.77 12.43
CA VAL A 138 -0.20 4.36 11.10
C VAL A 138 1.13 5.08 11.00
N ALA A 139 2.06 4.52 10.22
CA ALA A 139 3.40 5.10 10.08
C ALA A 139 3.60 5.55 8.65
N ALA A 140 4.49 6.53 8.48
CA ALA A 140 4.95 6.98 7.18
C ALA A 140 6.43 7.33 7.34
N ALA A 141 7.24 6.89 6.38
CA ALA A 141 8.68 7.03 6.50
C ALA A 141 9.30 7.03 5.11
N ASN A 142 10.32 7.87 4.90
CA ASN A 142 11.03 7.85 3.63
C ASN A 142 12.48 8.23 3.85
N ILE A 143 13.36 7.57 3.10
CA ILE A 143 14.73 8.00 2.91
C ILE A 143 14.85 8.49 1.47
N LEU A 144 14.47 9.74 1.22
CA LEU A 144 14.57 10.30 -0.12
C LEU A 144 15.99 10.69 -0.50
N SER A 145 16.88 10.88 0.48
CA SER A 145 18.26 11.25 0.16
C SER A 145 18.90 10.26 -0.79
N ARG A 146 18.57 8.97 -0.68
CA ARG A 146 19.16 8.00 -1.58
C ARG A 146 18.49 7.99 -2.96
N ARG A 147 17.40 8.73 -3.12
CA ARG A 147 16.70 8.94 -4.39
C ARG A 147 17.07 10.25 -5.05
N ILE A 148 17.97 11.04 -4.45
CA ILE A 148 18.29 12.36 -4.95
C ILE A 148 19.00 12.26 -6.29
N ASN A 149 18.54 13.04 -7.26
CA ASN A 149 19.18 13.14 -8.55
C ASN A 149 19.93 14.46 -8.59
N PRO A 150 21.26 14.46 -8.72
CA PRO A 150 22.00 15.73 -8.77
C PRO A 150 21.62 16.60 -9.96
N ALA A 151 21.14 16.01 -11.06
CA ALA A 151 20.72 16.77 -12.23
C ALA A 151 19.33 17.38 -12.05
N GLU A 152 18.54 16.89 -11.11
CA GLU A 152 17.21 17.40 -10.82
C GLU A 152 17.35 18.28 -9.57
N ARG A 153 17.43 19.60 -9.79
CA ARG A 153 17.78 20.51 -8.70
C ARG A 153 16.72 20.51 -7.61
N ALA A 154 15.44 20.44 -8.00
CA ALA A 154 14.38 20.36 -6.99
C ALA A 154 14.62 19.20 -6.03
N SER A 155 14.99 18.02 -6.55
CA SER A 155 15.20 16.89 -5.65
C SER A 155 16.37 17.15 -4.71
N ALA A 156 17.48 17.68 -5.24
CA ALA A 156 18.66 17.88 -4.42
C ALA A 156 18.39 18.82 -3.25
N VAL A 157 17.53 19.79 -3.46
CA VAL A 157 17.35 20.91 -2.53
C VAL A 157 16.20 20.68 -1.56
N LEU A 158 15.24 19.84 -1.95
CA LEU A 158 14.04 19.57 -1.15
C LEU A 158 14.12 18.27 -0.35
N PHE A 159 14.65 17.20 -0.92
CA PHE A 159 14.41 15.86 -0.39
C PHE A 159 15.10 15.66 0.94
N ALA A 160 14.37 15.03 1.86
CA ALA A 160 14.90 14.77 3.19
C ALA A 160 14.38 13.42 3.69
N ASP A 161 14.91 12.98 4.83
CA ASP A 161 14.64 11.67 5.40
C ASP A 161 13.98 11.85 6.74
N ALA A 162 12.81 11.21 6.94
CA ALA A 162 12.12 11.28 8.21
C ALA A 162 11.08 10.17 8.31
N ALA A 163 10.57 9.98 9.52
CA ALA A 163 9.44 9.10 9.80
C ALA A 163 8.53 9.80 10.79
N GLY A 164 7.21 9.60 10.59
CA GLY A 164 6.22 10.00 11.57
C GLY A 164 5.28 8.83 11.79
N ALA A 165 4.60 8.85 12.94
CA ALA A 165 3.64 7.79 13.20
C ALA A 165 2.60 8.31 14.16
N VAL A 166 1.42 7.70 14.08
CA VAL A 166 0.27 8.00 14.91
C VAL A 166 -0.35 6.67 15.32
N VAL A 167 -0.76 6.59 16.59
CA VAL A 167 -1.51 5.44 17.08
C VAL A 167 -2.98 5.82 17.06
N LEU A 168 -3.79 5.07 16.31
CA LEU A 168 -5.22 5.30 16.21
C LEU A 168 -5.94 4.27 17.07
N THR A 169 -6.75 4.72 18.04
CA THR A 169 -7.48 3.84 18.93
C THR A 169 -8.99 4.03 18.73
N PRO A 170 -9.79 2.99 19.02
CA PRO A 170 -11.23 3.13 18.90
C PRO A 170 -11.80 3.98 20.04
N CYS A 171 -12.89 4.68 19.72
CA CYS A 171 -13.55 5.58 20.64
C CYS A 171 -15.06 5.42 20.47
N PRO A 172 -15.84 5.43 21.56
CA PRO A 172 -17.30 5.31 21.43
C PRO A 172 -18.00 6.58 20.97
N GLU A 173 -17.34 7.74 20.99
CA GLU A 173 -18.04 9.00 20.77
C GLU A 173 -18.25 9.27 19.27
N VAL A 174 -19.40 9.88 18.97
CA VAL A 174 -19.72 10.28 17.62
C VAL A 174 -19.32 11.74 17.47
N LYS A 175 -19.39 12.23 16.24
CA LYS A 175 -19.16 13.64 15.92
C LYS A 175 -17.76 14.12 16.34
N ARG A 176 -16.80 13.20 16.43
CA ARG A 176 -15.40 13.59 16.62
C ARG A 176 -14.55 12.61 15.81
N GLY A 177 -13.25 12.79 15.86
CA GLY A 177 -12.41 11.93 15.06
C GLY A 177 -12.40 12.40 13.62
N VAL A 178 -12.35 11.47 12.67
CA VAL A 178 -12.32 11.89 11.27
C VAL A 178 -13.73 12.30 10.87
N LEU A 179 -13.91 13.60 10.65
CA LEU A 179 -15.22 14.12 10.30
C LEU A 179 -15.49 13.94 8.82
N SER A 180 -14.44 14.04 8.00
CA SER A 180 -14.56 13.90 6.56
C SER A 180 -13.19 13.61 5.97
N ALA A 181 -13.20 12.95 4.82
CA ALA A 181 -11.97 12.63 4.10
C ALA A 181 -12.31 12.62 2.62
N ASP A 182 -11.39 13.13 1.81
CA ASP A 182 -11.60 13.16 0.36
C ASP A 182 -10.29 12.71 -0.25
N LEU A 183 -10.32 11.59 -0.96
CA LEU A 183 -9.14 11.00 -1.60
C LEU A 183 -9.33 11.06 -3.10
N VAL A 184 -8.39 11.70 -3.80
CA VAL A 184 -8.53 11.91 -5.23
C VAL A 184 -7.28 11.44 -5.96
N ALA A 185 -7.46 11.23 -7.27
CA ALA A 185 -6.34 10.82 -8.09
C ALA A 185 -6.51 11.50 -9.43
N ASP A 186 -5.40 11.82 -10.09
CA ASP A 186 -5.46 12.40 -11.44
C ASP A 186 -4.27 11.87 -12.23
N GLY A 187 -4.44 10.67 -12.80
CA GLY A 187 -3.39 10.01 -13.56
C GLY A 187 -3.04 10.70 -14.87
N SER A 188 -3.75 11.76 -15.26
CA SER A 188 -3.25 12.54 -16.39
C SER A 188 -1.91 13.18 -16.09
N GLY A 189 -1.54 13.29 -14.80
CA GLY A 189 -0.26 13.84 -14.41
C GLY A 189 0.77 12.77 -14.11
N TYR A 190 0.51 11.53 -14.54
CA TYR A 190 1.37 10.39 -14.16
C TYR A 190 2.83 10.63 -14.51
N ASP A 191 3.10 11.19 -15.68
CA ASP A 191 4.47 11.31 -16.16
C ASP A 191 5.18 12.57 -15.69
N LEU A 192 4.57 13.37 -14.82
CA LEU A 192 5.21 14.62 -14.42
C LEU A 192 6.39 14.36 -13.48
N ILE A 193 6.24 13.40 -12.59
CA ILE A 193 7.26 13.00 -11.64
C ILE A 193 7.40 11.50 -11.75
N GLN A 194 8.60 11.03 -12.05
CA GLN A 194 8.72 9.61 -12.35
C GLN A 194 10.15 9.14 -12.10
N ILE A 195 10.28 7.86 -11.81
CA ILE A 195 11.56 7.14 -11.84
C ILE A 195 11.47 6.16 -12.99
N ALA A 196 12.40 6.24 -13.93
CA ALA A 196 12.19 5.53 -15.19
C ALA A 196 12.35 4.02 -15.02
N ALA A 197 13.35 3.59 -14.28
CA ALA A 197 13.71 2.18 -14.26
C ALA A 197 13.63 1.58 -12.87
N GLY A 198 13.51 0.25 -12.84
CA GLY A 198 13.41 -0.52 -11.61
C GLY A 198 12.02 -1.07 -11.34
N GLY A 199 11.00 -0.48 -11.94
CA GLY A 199 9.68 -1.07 -11.92
C GLY A 199 9.55 -2.18 -12.96
N SER A 200 8.31 -2.59 -13.20
CA SER A 200 8.13 -3.65 -14.17
C SER A 200 8.18 -3.15 -15.62
N SER A 201 8.01 -1.84 -15.85
CA SER A 201 8.05 -1.38 -17.24
C SER A 201 9.47 -1.35 -17.77
N GLN A 202 10.45 -1.10 -16.90
CA GLN A 202 11.86 -1.10 -17.29
C GLN A 202 12.69 -1.60 -16.12
N PRO A 203 12.74 -2.93 -15.92
CA PRO A 203 13.52 -3.47 -14.79
C PRO A 203 14.97 -3.01 -14.87
N PHE A 204 15.58 -2.80 -13.72
CA PHE A 204 16.98 -2.39 -13.70
C PHE A 204 17.85 -3.53 -14.24
N SER A 205 18.68 -3.22 -15.24
CA SER A 205 19.46 -4.20 -15.99
C SER A 205 20.95 -3.88 -15.90
N ALA A 206 21.75 -4.65 -16.67
CA ALA A 206 23.19 -4.64 -16.51
C ALA A 206 23.79 -3.31 -16.93
N GLY A 207 23.43 -2.82 -18.11
CA GLY A 207 24.11 -1.66 -18.65
C GLY A 207 23.50 -0.34 -18.24
N MET A 208 22.81 -0.30 -17.11
CA MET A 208 22.09 0.90 -16.72
C MET A 208 22.82 1.64 -15.62
N ILE A 209 22.58 2.95 -15.59
CA ILE A 209 23.22 3.86 -14.65
C ILE A 209 22.27 4.08 -13.47
N ALA A 210 22.84 4.59 -12.37
CA ALA A 210 22.03 4.86 -11.19
C ALA A 210 20.97 5.93 -11.46
N GLU A 211 21.23 6.85 -12.41
CA GLU A 211 20.30 7.97 -12.61
C GLU A 211 19.03 7.53 -13.33
N ASP A 212 19.05 6.40 -14.05
CA ASP A 212 17.80 5.80 -14.52
C ASP A 212 16.89 5.39 -13.37
N ALA A 213 17.46 5.15 -12.19
CA ALA A 213 16.70 4.78 -11.00
C ALA A 213 16.48 5.97 -10.07
N LEU A 214 16.75 7.20 -10.51
CA LEU A 214 16.51 8.39 -9.73
C LEU A 214 15.34 9.18 -10.30
N MET A 215 14.79 10.07 -9.48
CA MET A 215 13.58 10.78 -9.83
C MET A 215 13.83 11.82 -10.92
N THR A 216 12.86 11.98 -11.82
CA THR A 216 12.89 13.00 -12.85
C THR A 216 11.57 13.77 -12.86
N MET A 217 11.63 15.03 -13.25
CA MET A 217 10.45 15.88 -13.20
C MET A 217 10.39 16.70 -14.48
N ARG A 218 9.26 16.63 -15.16
CA ARG A 218 9.17 17.25 -16.48
C ARG A 218 9.07 18.77 -16.35
N ASP A 219 8.20 19.25 -15.46
CA ASP A 219 7.89 20.67 -15.35
C ASP A 219 7.50 20.93 -13.90
N GLY A 220 8.45 21.48 -13.13
CA GLY A 220 8.18 21.72 -11.72
C GLY A 220 7.02 22.67 -11.49
N ARG A 221 6.86 23.66 -12.39
CA ARG A 221 5.74 24.62 -12.26
C ARG A 221 4.39 23.93 -12.45
N GLU A 222 4.34 22.97 -13.37
CA GLU A 222 3.11 22.20 -13.58
C GLU A 222 2.84 21.30 -12.38
N VAL A 223 3.89 20.71 -11.82
CA VAL A 223 3.68 19.97 -10.57
C VAL A 223 3.17 20.92 -9.50
N PHE A 224 3.76 22.12 -9.41
CA PHE A 224 3.37 23.05 -8.36
C PHE A 224 1.89 23.38 -8.48
N SER A 225 1.44 23.81 -9.67
CA SER A 225 0.05 24.26 -9.79
C SER A 225 -0.93 23.10 -9.61
N ARG A 226 -0.59 21.91 -10.12
CA ARG A 226 -1.48 20.77 -9.93
C ARG A 226 -1.60 20.39 -8.46
N ALA A 227 -0.48 20.39 -7.73
CA ALA A 227 -0.50 20.01 -6.32
C ALA A 227 -1.29 21.02 -5.49
N VAL A 228 -1.09 22.32 -5.74
CA VAL A 228 -1.88 23.34 -5.06
C VAL A 228 -3.37 23.12 -5.31
N ALA A 229 -3.72 22.82 -6.56
CA ALA A 229 -5.13 22.64 -6.90
C ALA A 229 -5.72 21.40 -6.22
N LEU A 230 -4.98 20.28 -6.23
CA LEU A 230 -5.41 19.06 -5.56
C LEU A 230 -5.69 19.32 -4.08
N MET A 231 -4.74 19.98 -3.40
CA MET A 231 -4.87 20.21 -1.96
C MET A 231 -5.99 21.20 -1.67
N THR A 232 -6.07 22.27 -2.48
CA THR A 232 -7.15 23.25 -2.33
C THR A 232 -8.51 22.60 -2.51
N ASN A 233 -8.68 21.85 -3.61
CA ASN A 233 -10.00 21.28 -3.92
C ASN A 233 -10.39 20.20 -2.91
N THR A 234 -9.46 19.30 -2.54
CA THR A 234 -9.83 18.29 -1.54
C THR A 234 -10.12 18.94 -0.20
N SER A 235 -9.31 19.93 0.19
CA SER A 235 -9.56 20.63 1.44
C SER A 235 -10.94 21.29 1.45
N GLN A 236 -11.30 21.95 0.35
CA GLN A 236 -12.60 22.61 0.29
C GLN A 236 -13.73 21.61 0.45
N ARG A 237 -13.58 20.43 -0.14
CA ARG A 237 -14.60 19.40 -0.07
C ARG A 237 -14.76 18.84 1.34
N VAL A 238 -13.67 18.53 2.04
CA VAL A 238 -13.87 17.98 3.38
C VAL A 238 -14.41 19.03 4.34
N LEU A 239 -14.01 20.29 4.16
CA LEU A 239 -14.59 21.38 4.96
C LEU A 239 -16.09 21.45 4.75
N HIS A 240 -16.52 21.48 3.49
CA HIS A 240 -17.97 21.53 3.19
C HIS A 240 -18.66 20.27 3.70
N GLU A 241 -18.02 19.10 3.54
CA GLU A 241 -18.62 17.87 4.05
C GLU A 241 -18.77 17.92 5.58
N ALA A 242 -17.77 18.40 6.30
CA ALA A 242 -17.87 18.53 7.74
C ALA A 242 -18.72 19.73 8.18
N GLU A 243 -19.30 20.48 7.23
CA GLU A 243 -20.09 21.68 7.53
C GLU A 243 -19.28 22.69 8.33
N LEU A 244 -18.02 22.87 7.95
CA LEU A 244 -17.15 23.81 8.62
C LEU A 244 -16.59 24.80 7.61
N THR A 245 -16.09 25.91 8.12
CA THR A 245 -15.36 26.89 7.34
C THR A 245 -13.91 26.90 7.81
N ALA A 246 -13.06 27.57 7.01
CA ALA A 246 -11.66 27.74 7.35
C ALA A 246 -11.47 28.37 8.73
N ALA A 247 -12.46 29.13 9.22
CA ALA A 247 -12.35 29.75 10.53
C ALA A 247 -12.46 28.74 11.66
N ASP A 248 -13.08 27.59 11.42
CA ASP A 248 -13.21 26.56 12.46
C ASP A 248 -11.97 25.67 12.58
N ILE A 249 -11.02 25.80 11.67
CA ILE A 249 -9.79 25.02 11.76
C ILE A 249 -8.88 25.63 12.82
N SER A 250 -8.42 24.78 13.74
CA SER A 250 -7.46 25.18 14.76
C SER A 250 -6.02 25.06 14.27
N ARG A 251 -5.69 23.97 13.58
CA ARG A 251 -4.35 23.75 13.07
C ARG A 251 -4.47 23.20 11.65
N PHE A 252 -3.67 23.77 10.75
CA PHE A 252 -3.65 23.38 9.35
C PHE A 252 -2.32 22.69 9.09
N VAL A 253 -2.38 21.45 8.63
CA VAL A 253 -1.18 20.62 8.47
C VAL A 253 -1.09 20.14 7.03
N PRO A 254 -0.56 20.94 6.12
CA PRO A 254 -0.37 20.47 4.75
C PRO A 254 0.94 19.72 4.62
N HIS A 255 0.99 18.84 3.63
CA HIS A 255 2.25 18.24 3.21
C HIS A 255 3.28 19.35 3.02
N GLN A 256 4.50 19.12 3.48
CA GLN A 256 5.54 20.15 3.51
C GLN A 256 6.42 19.96 2.28
N ALA A 257 5.94 20.48 1.14
CA ALA A 257 6.71 20.32 -0.09
C ALA A 257 7.66 21.48 -0.31
N ASN A 258 7.16 22.71 -0.24
CA ASN A 258 7.99 23.90 -0.07
C ASN A 258 7.09 24.97 0.56
N ALA A 259 7.71 26.02 1.08
CA ALA A 259 6.92 27.00 1.83
C ALA A 259 5.92 27.69 0.95
N ARG A 260 6.28 27.97 -0.31
CA ARG A 260 5.36 28.69 -1.19
C ARG A 260 4.10 27.85 -1.47
N MET A 261 4.24 26.54 -1.59
CA MET A 261 3.06 25.71 -1.81
C MET A 261 2.13 25.73 -0.60
N SER A 262 2.69 25.60 0.61
CA SER A 262 1.87 25.72 1.82
C SER A 262 1.18 27.07 1.87
N ASP A 263 1.91 28.14 1.58
CA ASP A 263 1.33 29.48 1.57
C ASP A 263 0.19 29.58 0.56
N ALA A 264 0.38 28.98 -0.63
CA ALA A 264 -0.64 29.09 -1.67
C ALA A 264 -1.94 28.41 -1.24
N VAL A 265 -1.87 27.22 -0.67
CA VAL A 265 -3.07 26.49 -0.25
C VAL A 265 -3.73 27.20 0.92
N CYS A 266 -2.93 27.56 1.92
CA CYS A 266 -3.41 28.36 3.03
C CYS A 266 -4.16 29.60 2.54
N GLY A 267 -3.56 30.34 1.60
CA GLY A 267 -4.24 31.49 1.04
C GLY A 267 -5.52 31.15 0.30
N ASN A 268 -5.47 30.12 -0.58
CA ASN A 268 -6.67 29.75 -1.33
C ASN A 268 -7.83 29.41 -0.39
N LEU A 269 -7.53 28.80 0.75
CA LEU A 269 -8.55 28.37 1.69
C LEU A 269 -8.99 29.49 2.64
N GLY A 270 -8.31 30.63 2.65
CA GLY A 270 -8.62 31.64 3.62
C GLY A 270 -8.24 31.29 5.04
N ILE A 271 -7.28 30.40 5.24
CA ILE A 271 -6.84 30.05 6.58
C ILE A 271 -5.79 31.05 7.06
N GLU A 272 -5.89 31.44 8.33
CA GLU A 272 -4.92 32.36 8.93
C GLU A 272 -3.54 31.71 8.94
N ARG A 273 -2.52 32.48 8.53
CA ARG A 273 -1.20 31.88 8.32
C ARG A 273 -0.62 31.30 9.60
N GLU A 274 -0.93 31.90 10.75
CA GLU A 274 -0.39 31.43 12.02
C GLU A 274 -1.00 30.10 12.47
N LYS A 275 -2.08 29.65 11.84
CA LYS A 275 -2.64 28.34 12.13
C LYS A 275 -1.89 27.21 11.42
N THR A 276 -1.02 27.55 10.46
CA THR A 276 -0.33 26.54 9.67
C THR A 276 0.85 25.98 10.46
N VAL A 277 0.90 24.66 10.55
CA VAL A 277 2.05 23.94 11.06
C VAL A 277 3.11 23.89 9.97
N ARG A 278 4.30 24.38 10.27
CA ARG A 278 5.39 24.47 9.32
C ARG A 278 6.60 23.74 9.90
N THR A 279 6.91 22.57 9.36
CA THR A 279 8.15 21.89 9.72
C THR A 279 9.16 21.87 8.59
N ILE A 280 8.84 22.44 7.43
CA ILE A 280 9.76 22.30 6.31
C ILE A 280 11.07 23.02 6.55
N GLY A 281 11.08 24.07 7.38
CA GLY A 281 12.31 24.82 7.63
C GLY A 281 13.41 23.94 8.19
N SER A 282 13.08 23.05 9.13
CA SER A 282 14.05 22.22 9.83
C SER A 282 14.05 20.76 9.40
N PHE A 283 13.00 20.30 8.72
CA PHE A 283 12.91 18.90 8.37
C PHE A 283 12.80 18.64 6.88
N GLY A 284 12.71 19.68 6.05
CA GLY A 284 12.71 19.41 4.62
C GLY A 284 11.46 18.68 4.17
N ASN A 285 11.53 18.14 2.95
CA ASN A 285 10.42 17.41 2.34
C ASN A 285 10.74 15.92 2.39
N SER A 286 10.07 15.19 3.28
CA SER A 286 10.26 13.74 3.38
C SER A 286 9.07 12.98 2.81
N SER A 287 8.33 13.59 1.90
CA SER A 287 7.24 12.95 1.18
C SER A 287 6.19 12.58 2.22
N ALA A 288 5.74 11.33 2.27
CA ALA A 288 4.58 10.99 3.08
C ALA A 288 4.83 11.13 4.58
N ALA A 289 6.09 11.22 5.01
CA ALA A 289 6.37 11.35 6.44
C ALA A 289 6.07 12.75 6.97
N THR A 290 5.89 13.70 6.07
CA THR A 290 5.79 15.11 6.41
C THR A 290 4.65 15.38 7.38
N ILE A 291 3.45 14.87 7.09
CA ILE A 291 2.31 15.23 7.92
C ILE A 291 2.40 14.60 9.30
N PRO A 292 2.72 13.28 9.44
CA PRO A 292 2.79 12.75 10.81
C PRO A 292 3.98 13.28 11.58
N LEU A 293 5.09 13.64 10.93
CA LEU A 293 6.16 14.31 11.67
C LEU A 293 5.68 15.67 12.19
N SER A 294 4.92 16.40 11.37
CA SER A 294 4.38 17.71 11.76
C SER A 294 3.35 17.56 12.87
N LEU A 295 2.52 16.50 12.80
CA LEU A 295 1.58 16.24 13.87
C LEU A 295 2.31 15.98 15.17
N SER A 296 3.40 15.20 15.13
CA SER A 296 4.18 14.92 16.34
C SER A 296 4.84 16.20 16.88
N ILE A 297 5.36 17.04 15.99
CA ILE A 297 6.00 18.28 16.40
C ILE A 297 4.97 19.24 17.02
N THR A 298 3.83 19.44 16.37
CA THR A 298 2.86 20.42 16.89
C THR A 298 2.24 19.94 18.20
N ASN A 299 1.98 18.63 18.33
CA ASN A 299 1.47 18.07 19.58
C ASN A 299 2.48 18.19 20.71
N ALA A 300 3.78 18.04 20.41
CA ALA A 300 4.80 18.27 21.41
C ALA A 300 4.84 19.73 21.83
N GLU A 301 4.67 20.65 20.89
CA GLU A 301 4.67 22.05 21.25
C GLU A 301 3.47 22.40 22.12
N ARG A 302 2.31 21.89 21.77
CA ARG A 302 1.05 22.26 22.40
C ARG A 302 0.12 21.07 22.21
N PRO A 303 -0.07 20.25 23.24
CA PRO A 303 -0.87 19.02 23.08
C PRO A 303 -2.24 19.33 22.47
N LEU A 304 -2.69 18.44 21.60
CA LEU A 304 -4.00 18.64 20.99
C LEU A 304 -5.08 18.59 22.05
N ALA A 305 -5.97 19.58 22.03
CA ALA A 305 -6.97 19.75 23.07
C ALA A 305 -8.33 19.39 22.51
N GLY A 306 -9.13 18.73 23.35
CA GLY A 306 -10.49 18.35 22.97
C GLY A 306 -11.23 19.47 22.30
N GLY A 307 -11.92 19.19 21.19
CA GLY A 307 -12.65 20.19 20.47
C GLY A 307 -11.88 20.88 19.37
N GLU A 308 -10.55 20.82 19.39
CA GLU A 308 -9.74 21.34 18.28
C GLU A 308 -10.01 20.57 17.00
N THR A 309 -9.89 21.28 15.88
CA THR A 309 -10.15 20.72 14.55
C THR A 309 -8.92 20.92 13.68
N LEU A 310 -8.39 19.82 13.14
CA LEU A 310 -7.26 19.89 12.21
C LEU A 310 -7.73 19.65 10.79
N LEU A 311 -7.08 20.31 9.85
CA LEU A 311 -7.23 20.04 8.42
C LEU A 311 -5.88 19.55 7.95
N LEU A 312 -5.85 18.34 7.41
CA LEU A 312 -4.64 17.74 6.85
C LEU A 312 -4.84 17.62 5.35
N THR A 313 -3.80 17.91 4.58
CA THR A 313 -3.96 17.80 3.14
C THR A 313 -2.61 17.56 2.50
N ALA A 314 -2.64 16.82 1.37
CA ALA A 314 -1.42 16.39 0.71
C ALA A 314 -1.71 16.21 -0.77
N ALA A 315 -0.66 16.30 -1.58
CA ALA A 315 -0.72 15.91 -2.98
C ALA A 315 0.54 15.12 -3.26
N GLY A 316 0.53 14.34 -4.34
CA GLY A 316 1.62 13.43 -4.58
C GLY A 316 1.75 13.10 -6.05
N ALA A 317 2.90 12.54 -6.41
CA ALA A 317 3.08 12.02 -7.76
C ALA A 317 1.97 11.04 -8.08
N GLY A 318 1.62 10.94 -9.36
CA GLY A 318 0.51 10.08 -9.71
C GLY A 318 -0.44 10.60 -10.77
N MET A 319 -1.06 11.77 -10.55
CA MET A 319 -0.97 12.49 -9.30
C MET A 319 -2.09 12.09 -8.38
N THR A 320 -1.87 12.26 -7.08
CA THR A 320 -2.85 11.92 -6.06
C THR A 320 -2.98 13.10 -5.12
N GLY A 321 -4.13 13.18 -4.45
CA GLY A 321 -4.28 14.16 -3.40
C GLY A 321 -5.21 13.64 -2.34
N GLY A 322 -5.28 14.39 -1.24
CA GLY A 322 -6.27 14.06 -0.24
C GLY A 322 -6.37 15.12 0.83
N ALA A 323 -7.46 15.05 1.58
CA ALA A 323 -7.63 15.91 2.72
C ALA A 323 -8.47 15.18 3.75
N VAL A 324 -8.21 15.50 5.01
CA VAL A 324 -8.88 14.91 6.16
C VAL A 324 -9.19 16.03 7.14
N VAL A 325 -10.44 16.10 7.62
CA VAL A 325 -10.77 16.92 8.78
C VAL A 325 -10.84 16.01 9.99
N TYR A 326 -10.07 16.34 11.03
CA TYR A 326 -10.04 15.56 12.27
C TYR A 326 -10.39 16.45 13.45
N ARG A 327 -11.34 16.01 14.26
CA ARG A 327 -11.78 16.75 15.44
C ARG A 327 -11.26 16.04 16.69
N VAL A 328 -10.47 16.75 17.48
CA VAL A 328 -9.97 16.13 18.71
C VAL A 328 -11.12 15.94 19.68
N GLN B 2 -26.16 3.88 7.65
CA GLN B 2 -26.93 3.35 6.53
C GLN B 2 -26.26 2.19 5.82
N THR B 3 -24.95 2.29 5.58
CA THR B 3 -24.21 1.14 5.07
C THR B 3 -23.80 0.26 6.24
N ARG B 4 -24.14 -1.03 6.17
CA ARG B 4 -23.78 -1.95 7.23
C ARG B 4 -22.88 -3.09 6.78
N SER B 5 -22.74 -3.30 5.48
CA SER B 5 -21.90 -4.35 4.93
C SER B 5 -21.44 -3.94 3.53
N SER B 6 -20.50 -4.69 2.99
CA SER B 6 -20.09 -4.51 1.61
C SER B 6 -20.43 -5.75 0.80
N ARG B 7 -20.69 -5.54 -0.48
CA ARG B 7 -21.02 -6.62 -1.38
C ARG B 7 -19.96 -6.70 -2.48
N MET B 8 -19.48 -7.89 -2.75
CA MET B 8 -18.66 -8.10 -3.94
C MET B 8 -19.61 -8.10 -5.13
N ALA B 9 -19.67 -6.96 -5.82
CA ALA B 9 -20.67 -6.71 -6.84
C ALA B 9 -20.22 -7.14 -8.22
N GLY B 10 -18.91 -7.20 -8.45
CA GLY B 10 -18.38 -7.45 -9.77
C GLY B 10 -17.02 -8.06 -9.65
N PHE B 11 -16.73 -9.02 -10.54
CA PHE B 11 -15.47 -9.72 -10.54
C PHE B 11 -14.86 -9.61 -11.93
N GLY B 12 -13.54 -9.62 -11.97
CA GLY B 12 -12.89 -9.64 -13.27
C GLY B 12 -11.48 -10.12 -13.11
N HIS B 13 -10.90 -10.58 -14.22
CA HIS B 13 -9.53 -11.00 -14.19
C HIS B 13 -8.95 -10.80 -15.57
N ALA B 14 -7.63 -10.90 -15.66
CA ALA B 14 -6.97 -10.73 -16.95
C ALA B 14 -5.60 -11.39 -16.89
N VAL B 15 -5.17 -11.92 -18.03
CA VAL B 15 -3.82 -12.48 -18.15
C VAL B 15 -3.19 -11.97 -19.44
N PRO B 16 -1.86 -11.92 -19.52
CA PRO B 16 -1.20 -11.60 -20.79
C PRO B 16 -1.44 -12.70 -21.82
N ALA B 17 -0.98 -12.42 -23.05
CA ALA B 17 -1.29 -13.27 -24.18
C ALA B 17 -0.40 -14.49 -24.32
N ARG B 18 0.79 -14.49 -23.72
CA ARG B 18 1.74 -15.60 -23.92
C ARG B 18 1.42 -16.73 -22.91
N CYS B 19 0.84 -17.82 -23.41
CA CYS B 19 0.60 -18.98 -22.56
C CYS B 19 1.85 -19.87 -22.61
N VAL B 20 2.41 -20.17 -21.44
CA VAL B 20 3.68 -20.88 -21.33
C VAL B 20 3.39 -22.22 -20.65
N ASP B 21 3.49 -23.31 -21.40
CA ASP B 21 3.27 -24.61 -20.79
C ASP B 21 4.53 -25.11 -20.08
N ASN B 22 4.35 -26.10 -19.21
CA ASN B 22 5.47 -26.63 -18.43
C ASN B 22 6.62 -27.06 -19.32
N ALA B 23 6.30 -27.63 -20.50
CA ALA B 23 7.35 -28.23 -21.32
C ALA B 23 8.40 -27.21 -21.72
N GLU B 24 7.96 -26.00 -22.08
CA GLU B 24 8.92 -24.95 -22.41
C GLU B 24 9.84 -24.65 -21.23
N ILE B 25 9.30 -24.53 -20.02
CA ILE B 25 10.12 -24.22 -18.86
C ILE B 25 11.01 -25.40 -18.49
N GLU B 26 10.47 -26.61 -18.54
CA GLU B 26 11.28 -27.78 -18.21
C GLU B 26 12.48 -27.89 -19.14
N ALA B 27 12.29 -27.60 -20.43
CA ALA B 27 13.43 -27.57 -21.36
C ALA B 27 14.39 -26.44 -21.01
N SER B 28 13.87 -25.23 -20.76
CA SER B 28 14.71 -24.11 -20.35
C SER B 28 15.58 -24.46 -19.15
N LEU B 29 15.02 -25.13 -18.14
CA LEU B 29 15.77 -25.42 -16.93
C LEU B 29 16.49 -26.77 -16.96
N GLY B 30 16.24 -27.58 -17.98
CA GLY B 30 16.85 -28.90 -18.03
C GLY B 30 16.20 -29.91 -17.10
N LEU B 31 14.89 -29.80 -16.89
CA LEU B 31 14.18 -30.74 -16.03
C LEU B 31 13.53 -31.83 -16.87
N GLU B 32 13.41 -33.01 -16.27
CA GLU B 32 12.70 -34.11 -16.91
C GLU B 32 11.25 -33.72 -17.18
N ALA B 33 10.65 -34.35 -18.18
CA ALA B 33 9.26 -34.06 -18.52
C ALA B 33 8.34 -34.41 -17.34
N GLY B 34 7.37 -33.53 -17.08
CA GLY B 34 6.41 -33.74 -16.01
C GLY B 34 6.86 -33.27 -14.65
N TRP B 35 8.13 -32.87 -14.51
CA TRP B 35 8.69 -32.41 -13.26
C TRP B 35 7.78 -31.36 -12.59
N ILE B 36 7.38 -30.34 -13.35
CA ILE B 36 6.71 -29.18 -12.74
C ILE B 36 5.32 -29.55 -12.25
N GLU B 37 4.52 -30.21 -13.08
CA GLU B 37 3.19 -30.60 -12.62
C GLU B 37 3.29 -31.55 -11.43
N ARG B 38 4.26 -32.45 -11.45
CA ARG B 38 4.46 -33.37 -10.31
C ARG B 38 4.74 -32.62 -9.01
N ARG B 39 5.56 -31.56 -9.05
CA ARG B 39 6.00 -30.89 -7.82
C ARG B 39 5.12 -29.69 -7.42
N THR B 40 4.37 -29.08 -8.35
CA THR B 40 3.64 -27.84 -8.11
C THR B 40 2.13 -27.91 -8.39
N GLY B 41 1.67 -28.88 -9.19
CA GLY B 41 0.31 -28.88 -9.69
C GLY B 41 0.01 -27.88 -10.80
N ILE B 42 1.00 -27.11 -11.27
CA ILE B 42 0.82 -26.20 -12.39
C ILE B 42 1.00 -26.97 -13.69
N ARG B 43 0.11 -26.75 -14.65
CA ARG B 43 0.24 -27.25 -16.01
C ARG B 43 0.67 -26.17 -16.99
N SER B 44 0.21 -24.94 -16.79
CA SER B 44 0.58 -23.82 -17.65
C SER B 44 0.31 -22.54 -16.91
N ARG B 45 0.84 -21.44 -17.46
CA ARG B 45 0.70 -20.12 -16.85
C ARG B 45 0.94 -19.07 -17.94
N TYR B 46 0.61 -17.82 -17.64
CA TYR B 46 0.72 -16.75 -18.62
C TYR B 46 1.85 -15.80 -18.24
N TRP B 47 2.59 -15.33 -19.22
CA TRP B 47 3.65 -14.37 -18.99
C TRP B 47 3.45 -13.16 -19.88
N ALA B 48 3.86 -12.00 -19.38
CA ALA B 48 3.79 -10.79 -20.19
C ALA B 48 4.71 -10.90 -21.40
N GLU B 49 4.39 -10.12 -22.41
CA GLU B 49 5.26 -9.89 -23.55
C GLU B 49 5.87 -8.51 -23.43
N ALA B 50 6.87 -8.26 -24.25
CA ALA B 50 7.52 -6.96 -24.26
C ALA B 50 6.49 -5.87 -24.53
N GLY B 51 6.52 -4.81 -23.73
CA GLY B 51 5.58 -3.73 -23.88
C GLY B 51 4.30 -3.87 -23.08
N ASP B 52 4.01 -5.04 -22.53
CA ASP B 52 2.89 -5.16 -21.60
C ASP B 52 3.24 -4.40 -20.34
N THR B 53 2.27 -3.69 -19.79
CA THR B 53 2.47 -3.00 -18.53
C THR B 53 1.60 -3.63 -17.44
N LEU B 54 2.04 -3.42 -16.19
CA LEU B 54 1.27 -3.85 -15.04
C LEU B 54 -0.07 -3.12 -15.00
N SER B 55 -0.04 -1.81 -15.20
CA SER B 55 -1.27 -1.04 -15.15
C SER B 55 -2.22 -1.44 -16.29
N GLY B 56 -1.69 -1.85 -17.45
CA GLY B 56 -2.56 -2.24 -18.54
C GLY B 56 -3.23 -3.59 -18.29
N LEU B 57 -2.52 -4.51 -17.65
CA LEU B 57 -3.12 -5.78 -17.26
C LEU B 57 -4.14 -5.59 -16.15
N ALA B 58 -3.80 -4.79 -15.14
CA ALA B 58 -4.77 -4.44 -14.11
C ALA B 58 -6.01 -3.77 -14.70
N GLU B 59 -5.83 -2.94 -15.72
CA GLU B 59 -6.96 -2.24 -16.32
C GLU B 59 -7.95 -3.21 -16.94
N ARG B 60 -7.45 -4.28 -17.55
CA ARG B 60 -8.39 -5.20 -18.19
C ARG B 60 -9.19 -5.97 -17.16
N ALA B 61 -8.56 -6.36 -16.05
CA ALA B 61 -9.31 -7.03 -14.98
C ALA B 61 -10.30 -6.06 -14.34
N GLY B 62 -9.89 -4.81 -14.13
CA GLY B 62 -10.77 -3.85 -13.48
C GLY B 62 -11.96 -3.50 -14.33
N ARG B 63 -11.76 -3.34 -15.65
CA ARG B 63 -12.88 -3.06 -16.53
C ARG B 63 -13.88 -4.22 -16.56
N MET B 64 -13.37 -5.46 -16.57
CA MET B 64 -14.26 -6.62 -16.50
C MET B 64 -15.11 -6.59 -15.24
N ALA B 65 -14.51 -6.21 -14.11
CA ALA B 65 -15.25 -6.18 -12.84
C ALA B 65 -16.28 -5.07 -12.83
N LEU B 66 -15.92 -3.87 -13.32
CA LEU B 66 -16.90 -2.78 -13.39
C LEU B 66 -18.06 -3.17 -14.30
N GLU B 67 -17.75 -3.76 -15.46
CA GLU B 67 -18.78 -4.29 -16.35
C GLU B 67 -19.66 -5.30 -15.64
N ASP B 68 -19.04 -6.23 -14.91
CA ASP B 68 -19.80 -7.26 -14.20
C ASP B 68 -20.70 -6.63 -13.14
N ALA B 69 -20.19 -5.62 -12.44
CA ALA B 69 -20.98 -4.91 -11.43
C ALA B 69 -22.01 -3.95 -12.03
N LYS B 70 -21.87 -3.60 -13.32
CA LYS B 70 -22.79 -2.68 -14.00
C LYS B 70 -22.86 -1.34 -13.27
N ILE B 71 -21.71 -0.90 -12.75
CA ILE B 71 -21.62 0.25 -11.87
C ILE B 71 -21.30 1.50 -12.67
N ASN B 72 -21.89 2.61 -12.25
CA ASN B 72 -21.54 3.92 -12.77
C ASN B 72 -20.11 4.27 -12.37
N ALA B 73 -19.34 4.77 -13.33
CA ALA B 73 -17.96 5.14 -13.05
C ALA B 73 -17.84 6.11 -11.89
N ASP B 74 -18.82 7.01 -11.73
CA ASP B 74 -18.80 8.03 -10.69
C ASP B 74 -18.96 7.43 -9.30
N ASP B 75 -19.47 6.19 -9.20
CA ASP B 75 -19.72 5.56 -7.90
C ASP B 75 -18.44 5.01 -7.26
N ILE B 76 -17.33 4.93 -8.00
CA ILE B 76 -16.07 4.41 -7.46
C ILE B 76 -15.34 5.57 -6.78
N ALA B 77 -15.24 5.51 -5.44
CA ALA B 77 -14.58 6.54 -4.64
C ALA B 77 -13.11 6.26 -4.43
N LEU B 78 -12.68 5.03 -4.62
CA LEU B 78 -11.34 4.60 -4.25
C LEU B 78 -10.93 3.44 -5.13
N THR B 79 -9.70 3.47 -5.60
CA THR B 79 -9.12 2.33 -6.31
C THR B 79 -7.90 1.86 -5.52
N LEU B 80 -7.91 0.61 -5.07
CA LEU B 80 -6.79 0.02 -4.36
C LEU B 80 -6.12 -1.03 -5.24
N LEU B 81 -4.81 -0.91 -5.42
CA LEU B 81 -4.08 -1.82 -6.29
C LEU B 81 -3.00 -2.52 -5.48
N ALA B 82 -3.23 -3.79 -5.18
CA ALA B 82 -2.23 -4.62 -4.52
C ALA B 82 -1.28 -5.17 -5.57
N THR B 83 -0.01 -4.79 -5.49
CA THR B 83 0.96 -5.25 -6.47
C THR B 83 2.34 -5.16 -5.86
N SER B 84 3.19 -6.09 -6.26
CA SER B 84 4.60 -6.05 -5.97
C SER B 84 5.43 -5.54 -7.13
N THR B 85 4.80 -5.31 -8.28
CA THR B 85 5.52 -5.08 -9.54
C THR B 85 4.95 -3.86 -10.27
N PRO B 86 4.90 -2.70 -9.62
CA PRO B 86 4.34 -1.51 -10.27
C PRO B 86 5.14 -1.11 -11.51
N ASP B 87 4.46 -0.43 -12.45
CA ASP B 87 5.10 0.05 -13.68
C ASP B 87 6.42 0.74 -13.39
N HIS B 88 6.45 1.59 -12.37
CA HIS B 88 7.60 2.40 -11.98
C HIS B 88 7.66 2.42 -10.47
N LEU B 89 8.86 2.63 -9.93
CA LEU B 89 9.03 2.80 -8.49
C LEU B 89 8.39 4.09 -7.98
N LEU B 90 8.17 5.06 -8.87
CA LEU B 90 7.48 6.31 -8.61
C LEU B 90 6.99 6.78 -9.96
N PRO B 91 5.72 7.15 -10.09
CA PRO B 91 4.70 7.07 -9.04
C PRO B 91 4.10 5.67 -8.87
N PRO B 92 3.21 5.49 -7.89
CA PRO B 92 2.35 4.29 -7.86
C PRO B 92 1.59 4.13 -9.17
N SER B 93 1.22 2.88 -9.46
CA SER B 93 0.45 2.57 -10.67
C SER B 93 -1.06 2.79 -10.49
N ALA B 94 -1.58 2.73 -9.27
CA ALA B 94 -3.04 2.84 -9.11
C ALA B 94 -3.64 4.12 -9.69
N PRO B 95 -3.04 5.32 -9.54
CA PRO B 95 -3.67 6.50 -10.17
C PRO B 95 -3.81 6.37 -11.67
N LEU B 96 -2.81 5.76 -12.32
CA LEU B 96 -2.90 5.49 -13.76
C LEU B 96 -4.04 4.52 -14.05
N LEU B 97 -4.15 3.48 -13.24
CA LEU B 97 -5.25 2.52 -13.36
C LEU B 97 -6.61 3.22 -13.29
N ALA B 98 -6.83 4.01 -12.24
CA ALA B 98 -8.09 4.72 -12.14
C ALA B 98 -8.31 5.65 -13.33
N HIS B 99 -7.24 6.30 -13.80
CA HIS B 99 -7.35 7.22 -14.92
C HIS B 99 -7.77 6.49 -16.19
N ARG B 100 -7.14 5.35 -16.48
CA ARG B 100 -7.43 4.66 -17.73
C ARG B 100 -8.83 4.09 -17.73
N LEU B 101 -9.35 3.74 -16.55
CA LEU B 101 -10.71 3.22 -16.45
C LEU B 101 -11.79 4.30 -16.34
N GLY B 102 -11.44 5.58 -16.42
CA GLY B 102 -12.51 6.56 -16.37
C GLY B 102 -13.08 6.81 -14.99
N LEU B 103 -12.36 6.43 -13.95
CA LEU B 103 -12.83 6.59 -12.57
C LEU B 103 -12.41 7.96 -12.08
N THR B 104 -13.10 8.97 -12.61
CA THR B 104 -12.76 10.36 -12.37
C THR B 104 -13.10 10.86 -10.97
N ARG B 105 -13.87 10.11 -10.18
CA ARG B 105 -14.11 10.48 -8.79
C ARG B 105 -13.31 9.59 -7.82
N SER B 106 -12.35 8.83 -8.30
CA SER B 106 -11.71 7.80 -7.48
C SER B 106 -10.35 8.30 -6.97
N GLY B 107 -10.11 8.16 -5.67
CA GLY B 107 -8.76 8.14 -5.16
C GLY B 107 -8.06 6.87 -5.60
N ALA B 108 -6.74 6.81 -5.37
CA ALA B 108 -6.01 5.63 -5.80
C ALA B 108 -4.72 5.51 -5.01
N ILE B 109 -4.42 4.30 -4.56
CA ILE B 109 -3.15 4.03 -3.90
C ILE B 109 -2.79 2.57 -4.13
N ASP B 110 -1.49 2.29 -4.12
CA ASP B 110 -0.96 0.95 -4.23
C ASP B 110 -0.73 0.36 -2.84
N LEU B 111 -0.95 -0.94 -2.71
CA LEU B 111 -0.67 -1.69 -1.50
C LEU B 111 0.41 -2.73 -1.79
N ALA B 112 1.46 -2.75 -0.99
CA ALA B 112 2.54 -3.72 -1.12
C ALA B 112 2.42 -4.68 0.05
N GLY B 113 1.84 -5.85 -0.19
CA GLY B 113 1.75 -6.85 0.86
C GLY B 113 2.16 -8.23 0.38
N ALA B 114 2.99 -8.28 -0.64
CA ALA B 114 3.43 -9.54 -1.24
C ALA B 114 2.21 -10.42 -1.56
N CYS B 115 2.26 -11.74 -1.29
CA CYS B 115 1.13 -12.63 -1.64
C CYS B 115 -0.12 -12.36 -0.83
N SER B 116 -0.01 -11.67 0.30
CA SER B 116 -1.14 -11.32 1.13
C SER B 116 -1.81 -10.02 0.74
N GLY B 117 -1.30 -9.34 -0.29
CA GLY B 117 -1.71 -7.96 -0.57
C GLY B 117 -3.20 -7.79 -0.82
N PHE B 118 -3.85 -8.75 -1.50
CA PHE B 118 -5.27 -8.59 -1.82
C PHE B 118 -6.15 -8.73 -0.58
N LEU B 119 -5.83 -9.66 0.33
CA LEU B 119 -6.69 -9.79 1.51
C LEU B 119 -6.58 -8.58 2.43
N TYR B 120 -5.41 -7.93 2.47
CA TYR B 120 -5.30 -6.66 3.19
C TYR B 120 -6.13 -5.59 2.51
N ALA B 121 -6.02 -5.48 1.19
CA ALA B 121 -6.73 -4.44 0.47
C ALA B 121 -8.24 -4.65 0.56
N LEU B 122 -8.68 -5.91 0.48
CA LEU B 122 -10.09 -6.25 0.61
C LEU B 122 -10.62 -5.86 1.99
N THR B 123 -9.88 -6.21 3.05
CA THR B 123 -10.26 -5.84 4.41
C THR B 123 -10.29 -4.32 4.58
N LEU B 124 -9.26 -3.63 4.12
CA LEU B 124 -9.26 -2.17 4.22
C LEU B 124 -10.37 -1.54 3.38
N ALA B 125 -10.62 -2.07 2.18
CA ALA B 125 -11.71 -1.54 1.35
C ALA B 125 -13.07 -1.73 2.00
N ASP B 126 -13.30 -2.90 2.62
CA ASP B 126 -14.55 -3.14 3.30
C ASP B 126 -14.77 -2.12 4.39
N GLY B 127 -13.71 -1.77 5.13
CA GLY B 127 -13.86 -0.74 6.15
C GLY B 127 -14.16 0.62 5.55
N PHE B 128 -13.58 0.91 4.38
CA PHE B 128 -13.88 2.17 3.70
C PHE B 128 -15.34 2.19 3.24
N VAL B 129 -15.77 1.14 2.54
CA VAL B 129 -17.17 1.03 2.11
C VAL B 129 -18.10 1.25 3.29
N ARG B 130 -17.85 0.54 4.39
CA ARG B 130 -18.75 0.65 5.52
C ARG B 130 -18.68 2.00 6.23
N THR B 131 -17.55 2.70 6.14
CA THR B 131 -17.41 3.99 6.83
C THR B 131 -18.03 5.13 6.01
N TYR B 132 -17.82 5.11 4.70
CA TYR B 132 -18.21 6.21 3.84
C TYR B 132 -19.40 5.91 2.97
N GLY B 133 -19.87 4.66 2.94
CA GLY B 133 -20.99 4.30 2.10
C GLY B 133 -20.73 4.55 0.62
N ARG B 134 -19.51 4.27 0.16
CA ARG B 134 -19.12 4.50 -1.23
C ARG B 134 -18.33 3.30 -1.72
N ALA B 135 -18.41 3.02 -3.01
CA ALA B 135 -17.86 1.81 -3.59
C ALA B 135 -16.37 1.95 -3.84
N VAL B 136 -15.71 0.79 -3.94
CA VAL B 136 -14.27 0.69 -4.07
C VAL B 136 -13.95 -0.36 -5.11
N LEU B 137 -12.98 -0.06 -5.96
CA LEU B 137 -12.39 -1.05 -6.85
C LEU B 137 -11.12 -1.58 -6.20
N VAL B 138 -11.10 -2.88 -5.92
CA VAL B 138 -10.03 -3.55 -5.24
C VAL B 138 -9.37 -4.41 -6.29
N ALA B 139 -8.21 -3.99 -6.78
CA ALA B 139 -7.47 -4.72 -7.79
C ALA B 139 -6.18 -5.29 -7.21
N ALA B 140 -5.74 -6.39 -7.80
CA ALA B 140 -4.47 -7.01 -7.46
C ALA B 140 -3.84 -7.48 -8.77
N ALA B 141 -2.55 -7.22 -8.96
CA ALA B 141 -1.95 -7.52 -10.24
C ALA B 141 -0.45 -7.65 -10.05
N ASN B 142 0.15 -8.56 -10.82
CA ASN B 142 1.58 -8.78 -10.72
C ASN B 142 2.09 -9.27 -12.06
N ILE B 143 3.24 -8.74 -12.45
CA ILE B 143 4.05 -9.34 -13.50
C ILE B 143 5.29 -9.89 -12.83
N LEU B 144 5.18 -11.12 -12.29
CA LEU B 144 6.32 -11.82 -11.67
C LEU B 144 7.32 -12.35 -12.67
N SER B 145 6.91 -12.61 -13.92
CA SER B 145 7.84 -13.19 -14.88
C SER B 145 9.09 -12.34 -15.03
N ARG B 146 8.95 -11.02 -14.97
CA ARG B 146 10.12 -10.15 -15.09
C ARG B 146 11.00 -10.16 -13.84
N ARG B 147 10.53 -10.78 -12.76
CA ARG B 147 11.31 -10.93 -11.52
C ARG B 147 11.84 -12.34 -11.33
N ILE B 148 11.64 -13.24 -12.29
CA ILE B 148 12.07 -14.62 -12.14
C ILE B 148 13.59 -14.70 -12.14
N ASN B 149 14.16 -15.43 -11.18
CA ASN B 149 15.54 -15.86 -11.29
C ASN B 149 15.55 -17.31 -11.76
N PRO B 150 16.03 -17.60 -12.97
CA PRO B 150 16.07 -19.00 -13.43
C PRO B 150 16.84 -19.92 -12.50
N ALA B 151 17.80 -19.40 -11.72
CA ALA B 151 18.59 -20.20 -10.80
C ALA B 151 17.81 -20.60 -9.54
N GLU B 152 16.84 -19.79 -9.11
CA GLU B 152 15.94 -20.14 -8.01
C GLU B 152 14.79 -20.94 -8.61
N ARG B 153 14.88 -22.26 -8.52
CA ARG B 153 14.01 -23.13 -9.32
C ARG B 153 12.54 -22.96 -8.96
N ALA B 154 12.22 -22.82 -7.66
CA ALA B 154 10.84 -22.59 -7.27
C ALA B 154 10.24 -21.39 -7.99
N SER B 155 10.95 -20.27 -8.00
CA SER B 155 10.44 -19.07 -8.66
C SER B 155 10.26 -19.29 -10.15
N ALA B 156 11.20 -19.98 -10.80
CA ALA B 156 11.09 -20.17 -12.24
C ALA B 156 9.85 -20.98 -12.61
N VAL B 157 9.47 -21.99 -11.82
CA VAL B 157 8.40 -22.89 -12.24
C VAL B 157 7.03 -22.49 -11.67
N LEU B 158 6.97 -21.57 -10.71
CA LEU B 158 5.69 -21.16 -10.13
C LEU B 158 5.20 -19.81 -10.65
N PHE B 159 6.09 -18.84 -10.83
CA PHE B 159 5.69 -17.45 -10.98
C PHE B 159 4.95 -17.23 -12.28
N ALA B 160 3.86 -16.46 -12.20
CA ALA B 160 3.03 -16.18 -13.35
C ALA B 160 2.54 -14.73 -13.26
N ASP B 161 1.97 -14.26 -14.37
CA ASP B 161 1.47 -12.89 -14.53
C ASP B 161 -0.04 -12.90 -14.64
N ALA B 162 -0.72 -12.07 -13.84
CA ALA B 162 -2.17 -12.02 -13.85
C ALA B 162 -2.66 -10.78 -13.10
N ALA B 163 -3.94 -10.47 -13.31
CA ALA B 163 -4.62 -9.46 -12.53
C ALA B 163 -6.02 -9.97 -12.20
N GLY B 164 -6.51 -9.57 -11.02
CA GLY B 164 -7.88 -9.80 -10.64
C GLY B 164 -8.42 -8.54 -9.99
N ALA B 165 -9.75 -8.42 -9.98
CA ALA B 165 -10.37 -7.23 -9.40
C ALA B 165 -11.77 -7.57 -8.91
N VAL B 166 -12.18 -6.85 -7.87
CA VAL B 166 -13.50 -6.94 -7.26
C VAL B 166 -14.01 -5.54 -7.07
N VAL B 167 -15.26 -5.31 -7.44
CA VAL B 167 -15.96 -4.07 -7.13
C VAL B 167 -16.71 -4.31 -5.83
N LEU B 168 -16.38 -3.54 -4.81
CA LEU B 168 -17.05 -3.62 -3.52
C LEU B 168 -18.03 -2.46 -3.42
N THR B 169 -19.32 -2.77 -3.22
CA THR B 169 -20.34 -1.74 -3.11
C THR B 169 -20.97 -1.73 -1.72
N PRO B 170 -21.50 -0.59 -1.29
CA PRO B 170 -22.16 -0.52 0.01
C PRO B 170 -23.49 -1.26 0.02
N CYS B 171 -23.78 -1.90 1.15
CA CYS B 171 -24.98 -2.70 1.30
C CYS B 171 -25.63 -2.34 2.64
N PRO B 172 -26.94 -2.09 2.67
CA PRO B 172 -27.57 -1.72 3.95
C PRO B 172 -27.78 -2.86 4.92
N GLU B 173 -27.60 -4.12 4.51
CA GLU B 173 -27.95 -5.27 5.35
C GLU B 173 -26.80 -5.70 6.27
N VAL B 174 -27.16 -6.13 7.47
CA VAL B 174 -26.22 -6.66 8.46
C VAL B 174 -26.11 -8.17 8.29
N LYS B 175 -25.18 -8.80 9.00
CA LYS B 175 -25.05 -10.26 9.04
C LYS B 175 -24.70 -10.85 7.67
N ARG B 176 -23.98 -10.09 6.86
CA ARG B 176 -23.53 -10.56 5.56
C ARG B 176 -22.30 -9.75 5.19
N GLY B 177 -21.71 -10.08 4.03
CA GLY B 177 -20.49 -9.42 3.61
C GLY B 177 -19.32 -9.96 4.41
N VAL B 178 -18.38 -9.11 4.81
CA VAL B 178 -17.22 -9.59 5.56
C VAL B 178 -17.68 -9.88 6.99
N LEU B 179 -17.77 -11.16 7.32
CA LEU B 179 -18.14 -11.56 8.67
C LEU B 179 -16.97 -11.46 9.63
N SER B 180 -15.75 -11.69 9.15
CA SER B 180 -14.57 -11.66 10.00
C SER B 180 -13.32 -11.58 9.14
N ALA B 181 -12.27 -10.99 9.71
CA ALA B 181 -11.01 -10.90 8.98
C ALA B 181 -9.91 -10.95 10.03
N ASP B 182 -8.81 -11.60 9.67
CA ASP B 182 -7.67 -11.69 10.58
C ASP B 182 -6.42 -11.44 9.75
N LEU B 183 -5.69 -10.39 10.08
CA LEU B 183 -4.47 -9.99 9.37
C LEU B 183 -3.32 -10.13 10.34
N VAL B 184 -2.31 -10.91 9.95
CA VAL B 184 -1.19 -11.19 10.83
C VAL B 184 0.10 -10.93 10.07
N ALA B 185 1.16 -10.75 10.83
CA ALA B 185 2.50 -10.54 10.30
C ALA B 185 3.49 -11.24 11.21
N ASP B 186 4.60 -11.69 10.61
CA ASP B 186 5.65 -12.36 11.37
C ASP B 186 6.98 -12.02 10.72
N GLY B 187 7.53 -10.87 11.11
CA GLY B 187 8.79 -10.39 10.57
C GLY B 187 9.99 -11.24 10.93
N SER B 188 9.83 -12.28 11.76
CA SER B 188 10.92 -13.22 11.98
C SER B 188 11.29 -13.95 10.68
N GLY B 189 10.39 -13.97 9.69
CA GLY B 189 10.70 -14.62 8.43
C GLY B 189 10.99 -13.63 7.31
N TYR B 190 11.38 -12.41 7.69
CA TYR B 190 11.59 -11.35 6.72
C TYR B 190 12.62 -11.74 5.66
N ASP B 191 13.71 -12.40 6.07
CA ASP B 191 14.79 -12.68 5.13
C ASP B 191 14.56 -13.94 4.31
N LEU B 192 13.43 -14.63 4.49
CA LEU B 192 13.26 -15.91 3.82
C LEU B 192 13.08 -15.74 2.31
N ILE B 193 12.30 -14.74 1.91
CA ILE B 193 12.08 -14.39 0.51
C ILE B 193 12.45 -12.93 0.35
N GLN B 194 13.36 -12.64 -0.57
CA GLN B 194 13.87 -11.28 -0.62
C GLN B 194 14.39 -10.95 -2.02
N ILE B 195 14.35 -9.66 -2.33
CA ILE B 195 15.09 -9.07 -3.43
C ILE B 195 16.11 -8.15 -2.80
N ALA B 196 17.40 -8.36 -3.10
CA ALA B 196 18.45 -7.67 -2.34
C ALA B 196 18.56 -6.20 -2.73
N ALA B 197 18.55 -5.90 -4.03
CA ALA B 197 18.84 -4.58 -4.57
C ALA B 197 17.57 -3.86 -5.03
N GLY B 198 17.65 -2.53 -5.10
CA GLY B 198 16.58 -1.69 -5.62
C GLY B 198 15.77 -0.98 -4.56
N GLY B 199 15.80 -1.48 -3.32
CA GLY B 199 15.16 -0.79 -2.23
C GLY B 199 16.08 0.28 -1.66
N SER B 200 15.69 0.81 -0.51
CA SER B 200 16.56 1.83 0.09
C SER B 200 17.77 1.21 0.80
N SER B 201 17.77 -0.08 1.11
CA SER B 201 18.94 -0.64 1.77
C SER B 201 20.07 -0.90 0.79
N GLN B 202 19.77 -1.21 -0.47
CA GLN B 202 20.81 -1.34 -1.49
C GLN B 202 20.25 -0.85 -2.84
N PRO B 203 20.24 0.46 -3.06
CA PRO B 203 19.62 1.00 -4.28
C PRO B 203 20.33 0.49 -5.53
N PHE B 204 19.57 0.40 -6.61
CA PHE B 204 20.11 0.08 -7.93
C PHE B 204 21.28 0.98 -8.27
N SER B 205 22.37 0.38 -8.76
CA SER B 205 23.54 1.16 -9.14
C SER B 205 24.20 0.51 -10.35
N ALA B 206 25.10 1.27 -10.98
CA ALA B 206 25.91 0.73 -12.06
C ALA B 206 26.70 -0.47 -11.58
N GLY B 207 26.80 -1.49 -12.43
CA GLY B 207 27.56 -2.67 -12.08
C GLY B 207 26.96 -3.51 -10.96
N MET B 208 25.65 -3.47 -10.78
CA MET B 208 24.97 -4.36 -9.86
C MET B 208 24.79 -5.74 -10.48
N ILE B 209 25.02 -6.78 -9.67
CA ILE B 209 24.81 -8.16 -10.13
C ILE B 209 23.36 -8.34 -10.57
N ALA B 210 23.16 -8.95 -11.74
CA ALA B 210 21.81 -9.12 -12.27
C ALA B 210 20.90 -9.86 -11.27
N GLU B 211 21.43 -10.90 -10.64
CA GLU B 211 20.64 -11.67 -9.70
C GLU B 211 20.14 -10.83 -8.53
N ASP B 212 20.76 -9.68 -8.26
CA ASP B 212 20.43 -8.91 -7.06
C ASP B 212 19.11 -8.18 -7.17
N ALA B 213 18.60 -8.03 -8.39
CA ALA B 213 17.28 -7.45 -8.60
C ALA B 213 16.18 -8.51 -8.68
N LEU B 214 16.51 -9.78 -8.60
CA LEU B 214 15.52 -10.85 -8.77
C LEU B 214 15.25 -11.55 -7.43
N MET B 215 14.10 -12.22 -7.37
CA MET B 215 13.67 -12.86 -6.15
C MET B 215 14.67 -13.92 -5.69
N THR B 216 14.79 -14.06 -4.37
CA THR B 216 15.66 -15.07 -3.79
C THR B 216 14.96 -15.71 -2.60
N MET B 217 15.33 -16.95 -2.30
CA MET B 217 14.65 -17.74 -1.27
C MET B 217 15.66 -18.62 -0.56
N ARG B 218 15.77 -18.45 0.76
CA ARG B 218 16.80 -19.18 1.48
C ARG B 218 16.41 -20.64 1.72
N ASP B 219 15.13 -20.90 2.03
CA ASP B 219 14.71 -22.22 2.49
C ASP B 219 13.25 -22.39 2.10
N GLY B 220 13.02 -23.02 0.94
CA GLY B 220 11.66 -23.18 0.46
C GLY B 220 10.79 -23.99 1.41
N ARG B 221 11.39 -24.96 2.12
CA ARG B 221 10.63 -25.77 3.08
C ARG B 221 10.21 -24.95 4.28
N GLU B 222 11.07 -24.05 4.74
CA GLU B 222 10.69 -23.13 5.81
C GLU B 222 9.60 -22.18 5.34
N VAL B 223 9.71 -21.68 4.12
CA VAL B 223 8.63 -20.87 3.58
C VAL B 223 7.33 -21.67 3.56
N PHE B 224 7.41 -22.90 3.06
CA PHE B 224 6.23 -23.75 2.96
C PHE B 224 5.57 -23.90 4.31
N SER B 225 6.32 -24.34 5.33
CA SER B 225 5.66 -24.65 6.59
C SER B 225 5.17 -23.38 7.28
N ARG B 226 5.90 -22.27 7.13
CA ARG B 226 5.43 -21.02 7.72
C ARG B 226 4.13 -20.56 7.08
N ALA B 227 4.03 -20.70 5.75
CA ALA B 227 2.88 -20.19 5.02
C ALA B 227 1.65 -21.03 5.31
N VAL B 228 1.81 -22.35 5.37
CA VAL B 228 0.73 -23.25 5.78
C VAL B 228 0.22 -22.88 7.17
N ALA B 229 1.13 -22.70 8.12
CA ALA B 229 0.70 -22.33 9.47
C ALA B 229 -0.03 -20.98 9.48
N LEU B 230 0.49 -20.00 8.75
CA LEU B 230 -0.14 -18.68 8.73
C LEU B 230 -1.56 -18.77 8.18
N MET B 231 -1.73 -19.46 7.07
CA MET B 231 -3.06 -19.63 6.50
C MET B 231 -3.96 -20.47 7.39
N THR B 232 -3.43 -21.57 7.96
CA THR B 232 -4.22 -22.39 8.86
C THR B 232 -4.69 -21.60 10.06
N ASN B 233 -3.76 -20.88 10.70
CA ASN B 233 -4.10 -20.20 11.95
C ASN B 233 -5.03 -19.01 11.70
N THR B 234 -4.79 -18.23 10.63
CA THR B 234 -5.70 -17.12 10.39
C THR B 234 -7.08 -17.64 10.02
N SER B 235 -7.16 -18.69 9.21
CA SER B 235 -8.44 -19.25 8.81
C SER B 235 -9.20 -19.79 10.01
N GLN B 236 -8.51 -20.50 10.91
CA GLN B 236 -9.18 -20.98 12.11
C GLN B 236 -9.76 -19.82 12.91
N ARG B 237 -9.02 -18.70 12.95
CA ARG B 237 -9.45 -17.55 13.75
C ARG B 237 -10.72 -16.92 13.16
N VAL B 238 -10.73 -16.62 11.86
CA VAL B 238 -11.92 -15.96 11.30
C VAL B 238 -13.13 -16.88 11.33
N LEU B 239 -12.91 -18.20 11.21
CA LEU B 239 -14.03 -19.13 11.35
C LEU B 239 -14.63 -19.06 12.75
N HIS B 240 -13.78 -19.06 13.77
CA HIS B 240 -14.31 -19.01 15.14
C HIS B 240 -14.93 -17.65 15.43
N GLU B 241 -14.35 -16.57 14.90
CA GLU B 241 -14.96 -15.26 15.07
C GLU B 241 -16.31 -15.18 14.37
N ALA B 242 -16.45 -15.85 13.24
CA ALA B 242 -17.74 -15.79 12.58
C ALA B 242 -18.73 -16.80 13.16
N GLU B 243 -18.31 -17.58 14.16
CA GLU B 243 -19.11 -18.66 14.75
C GLU B 243 -19.49 -19.68 13.69
N LEU B 244 -18.53 -20.05 12.86
CA LEU B 244 -18.72 -21.00 11.79
C LEU B 244 -17.76 -22.16 11.98
N THR B 245 -18.05 -23.27 11.30
CA THR B 245 -17.09 -24.34 11.13
C THR B 245 -16.75 -24.48 9.64
N ALA B 246 -15.74 -25.31 9.38
CA ALA B 246 -15.34 -25.62 8.01
C ALA B 246 -16.51 -26.16 7.19
N ALA B 247 -17.39 -26.94 7.82
CA ALA B 247 -18.55 -27.47 7.11
C ALA B 247 -19.48 -26.37 6.60
N ASP B 248 -19.46 -25.18 7.20
CA ASP B 248 -20.33 -24.10 6.72
C ASP B 248 -19.76 -23.38 5.49
N ILE B 249 -18.48 -23.58 5.18
CA ILE B 249 -17.87 -22.92 4.04
C ILE B 249 -18.37 -23.56 2.74
N SER B 250 -18.82 -22.72 1.79
CA SER B 250 -19.23 -23.20 0.46
C SER B 250 -18.04 -23.27 -0.48
N ARG B 251 -17.19 -22.26 -0.48
CA ARG B 251 -16.04 -22.19 -1.37
C ARG B 251 -14.84 -21.71 -0.60
N PHE B 252 -13.75 -22.43 -0.74
CA PHE B 252 -12.49 -22.14 -0.06
C PHE B 252 -11.54 -21.66 -1.12
N VAL B 253 -11.06 -20.43 -0.96
CA VAL B 253 -10.20 -19.79 -1.95
C VAL B 253 -8.89 -19.40 -1.28
N PRO B 254 -7.94 -20.31 -1.21
CA PRO B 254 -6.60 -19.95 -0.73
C PRO B 254 -5.76 -19.33 -1.82
N HIS B 255 -4.79 -18.53 -1.40
CA HIS B 255 -3.72 -18.14 -2.29
C HIS B 255 -3.20 -19.37 -3.02
N GLN B 256 -3.04 -19.23 -4.34
CA GLN B 256 -2.58 -20.35 -5.19
C GLN B 256 -1.07 -20.33 -5.28
N ALA B 257 -0.41 -20.93 -4.29
CA ALA B 257 1.05 -20.96 -4.26
C ALA B 257 1.62 -22.22 -4.93
N ASN B 258 1.13 -23.39 -4.51
CA ASN B 258 1.29 -24.66 -5.22
C ASN B 258 0.22 -25.60 -4.70
N ALA B 259 -0.03 -26.68 -5.42
CA ALA B 259 -1.14 -27.54 -5.06
C ALA B 259 -0.96 -28.13 -3.67
N ARG B 260 0.26 -28.55 -3.32
CA ARG B 260 0.49 -29.20 -2.03
C ARG B 260 0.21 -28.23 -0.87
N MET B 261 0.52 -26.95 -1.04
CA MET B 261 0.18 -25.99 0.01
C MET B 261 -1.32 -25.84 0.17
N SER B 262 -2.05 -25.73 -0.94
CA SER B 262 -3.51 -25.63 -0.83
C SER B 262 -4.09 -26.87 -0.16
N ASP B 263 -3.58 -28.05 -0.53
CA ASP B 263 -4.08 -29.29 0.04
C ASP B 263 -3.75 -29.38 1.53
N ALA B 264 -2.54 -28.93 1.93
CA ALA B 264 -2.18 -28.96 3.35
C ALA B 264 -3.11 -28.10 4.18
N VAL B 265 -3.42 -26.89 3.71
CA VAL B 265 -4.28 -25.97 4.49
C VAL B 265 -5.71 -26.50 4.52
N CYS B 266 -6.23 -26.87 3.34
CA CYS B 266 -7.53 -27.52 3.25
C CYS B 266 -7.65 -28.68 4.24
N GLY B 267 -6.72 -29.62 4.17
CA GLY B 267 -6.71 -30.72 5.13
C GLY B 267 -6.64 -30.26 6.57
N ASN B 268 -5.77 -29.30 6.88
CA ASN B 268 -5.63 -28.82 8.26
C ASN B 268 -6.97 -28.31 8.79
N LEU B 269 -7.70 -27.59 7.95
CA LEU B 269 -8.97 -26.97 8.32
C LEU B 269 -10.15 -27.94 8.30
N GLY B 270 -9.98 -29.13 7.75
CA GLY B 270 -11.10 -30.05 7.65
C GLY B 270 -12.09 -29.70 6.56
N ILE B 271 -11.64 -29.02 5.51
CA ILE B 271 -12.50 -28.60 4.42
C ILE B 271 -12.52 -29.68 3.35
N GLU B 272 -13.73 -30.00 2.86
CA GLU B 272 -13.89 -30.94 1.77
C GLU B 272 -13.13 -30.49 0.53
N ARG B 273 -12.32 -31.38 -0.04
CA ARG B 273 -11.38 -30.95 -1.07
C ARG B 273 -12.09 -30.40 -2.31
N GLU B 274 -13.29 -30.88 -2.60
CA GLU B 274 -14.00 -30.37 -3.77
C GLU B 274 -14.54 -28.96 -3.57
N LYS B 275 -14.50 -28.42 -2.34
CA LYS B 275 -14.90 -27.05 -2.12
C LYS B 275 -13.79 -26.05 -2.46
N THR B 276 -12.57 -26.52 -2.69
CA THR B 276 -11.44 -25.64 -2.92
C THR B 276 -11.49 -25.12 -4.34
N VAL B 277 -11.38 -23.80 -4.48
CA VAL B 277 -11.17 -23.21 -5.79
C VAL B 277 -9.70 -23.41 -6.15
N ARG B 278 -9.45 -23.97 -7.33
CA ARG B 278 -8.09 -24.32 -7.77
C ARG B 278 -7.83 -23.72 -9.15
N THR B 279 -7.08 -22.63 -9.21
CA THR B 279 -6.71 -22.03 -10.48
C THR B 279 -5.23 -22.18 -10.79
N ILE B 280 -4.45 -22.73 -9.85
CA ILE B 280 -3.01 -22.81 -10.06
C ILE B 280 -2.66 -23.62 -11.31
N GLY B 281 -3.51 -24.59 -11.66
CA GLY B 281 -3.20 -25.47 -12.79
C GLY B 281 -3.01 -24.71 -14.10
N SER B 282 -3.89 -23.74 -14.38
CA SER B 282 -3.88 -22.96 -15.61
C SER B 282 -3.28 -21.57 -15.46
N PHE B 283 -3.22 -21.03 -14.26
CA PHE B 283 -2.83 -19.64 -14.11
C PHE B 283 -1.59 -19.46 -13.25
N GLY B 284 -1.03 -20.53 -12.69
CA GLY B 284 0.18 -20.45 -11.89
C GLY B 284 0.00 -19.55 -10.68
N ASN B 285 1.14 -19.08 -10.17
CA ASN B 285 1.19 -18.29 -8.94
C ASN B 285 1.51 -16.85 -9.33
N SER B 286 0.51 -15.98 -9.26
CA SER B 286 0.71 -14.57 -9.58
C SER B 286 0.65 -13.69 -8.33
N SER B 287 1.02 -14.25 -7.18
CA SER B 287 1.14 -13.54 -5.90
C SER B 287 -0.22 -12.95 -5.56
N ALA B 288 -0.32 -11.64 -5.26
CA ALA B 288 -1.57 -11.11 -4.73
C ALA B 288 -2.73 -11.25 -5.72
N ALA B 289 -2.43 -11.46 -7.00
CA ALA B 289 -3.55 -11.58 -7.94
C ALA B 289 -4.32 -12.91 -7.82
N THR B 290 -3.83 -13.92 -7.09
CA THR B 290 -4.40 -15.25 -7.28
C THR B 290 -5.81 -15.35 -6.72
N ILE B 291 -6.05 -14.71 -5.58
CA ILE B 291 -7.37 -14.83 -4.97
C ILE B 291 -8.42 -14.10 -5.81
N PRO B 292 -8.23 -12.83 -6.25
CA PRO B 292 -9.30 -12.22 -7.06
C PRO B 292 -9.43 -12.87 -8.42
N LEU B 293 -8.33 -13.38 -9.01
CA LEU B 293 -8.48 -14.12 -10.26
C LEU B 293 -9.35 -15.36 -10.04
N SER B 294 -9.16 -16.03 -8.89
CA SER B 294 -9.89 -17.25 -8.58
C SER B 294 -11.35 -16.94 -8.28
N LEU B 295 -11.61 -15.80 -7.62
CA LEU B 295 -12.99 -15.37 -7.42
C LEU B 295 -13.68 -15.13 -8.76
N SER B 296 -12.98 -14.48 -9.69
CA SER B 296 -13.56 -14.22 -11.00
C SER B 296 -13.83 -15.53 -11.74
N ILE B 297 -12.88 -16.47 -11.69
CA ILE B 297 -13.05 -17.76 -12.35
C ILE B 297 -14.22 -18.54 -11.74
N THR B 298 -14.23 -18.70 -10.41
CA THR B 298 -15.26 -19.54 -9.83
C THR B 298 -16.64 -18.91 -9.98
N ASN B 299 -16.74 -17.58 -9.89
CA ASN B 299 -18.02 -16.91 -10.07
C ASN B 299 -18.49 -17.00 -11.50
N ALA B 300 -17.56 -17.05 -12.46
CA ALA B 300 -17.93 -17.27 -13.85
C ALA B 300 -18.43 -18.69 -14.06
N GLU B 301 -17.77 -19.67 -13.44
CA GLU B 301 -18.25 -21.05 -13.61
C GLU B 301 -19.62 -21.23 -12.99
N ARG B 302 -19.84 -20.64 -11.82
CA ARG B 302 -21.04 -20.90 -11.01
C ARG B 302 -21.29 -19.66 -10.18
N PRO B 303 -22.22 -18.80 -10.59
CA PRO B 303 -22.39 -17.50 -9.93
C PRO B 303 -22.55 -17.62 -8.43
N LEU B 304 -21.87 -16.76 -7.69
CA LEU B 304 -22.03 -16.75 -6.24
C LEU B 304 -23.48 -16.47 -5.88
N ALA B 305 -24.06 -17.34 -5.06
CA ALA B 305 -25.47 -17.28 -4.71
C ALA B 305 -25.65 -16.83 -3.27
N GLY B 306 -26.70 -16.06 -3.04
CA GLY B 306 -27.02 -15.58 -1.70
C GLY B 306 -27.00 -16.67 -0.65
N GLY B 307 -26.38 -16.38 0.50
CA GLY B 307 -26.23 -17.33 1.57
C GLY B 307 -24.94 -18.12 1.54
N GLU B 308 -24.29 -18.23 0.38
CA GLU B 308 -23.00 -18.88 0.31
C GLU B 308 -21.97 -18.17 1.19
N THR B 309 -21.06 -18.94 1.77
CA THR B 309 -20.00 -18.44 2.62
C THR B 309 -18.65 -18.81 2.01
N LEU B 310 -17.79 -17.81 1.81
CA LEU B 310 -16.45 -18.04 1.28
C LEU B 310 -15.41 -17.84 2.39
N LEU B 311 -14.36 -18.64 2.33
CA LEU B 311 -13.19 -18.47 3.18
C LEU B 311 -12.00 -18.17 2.27
N LEU B 312 -11.38 -17.02 2.48
CA LEU B 312 -10.22 -16.61 1.70
C LEU B 312 -9.03 -16.57 2.63
N THR B 313 -7.89 -17.02 2.16
CA THR B 313 -6.71 -17.03 3.02
C THR B 313 -5.46 -16.93 2.17
N ALA B 314 -4.45 -16.27 2.72
CA ALA B 314 -3.19 -16.06 2.01
C ALA B 314 -2.07 -15.88 3.02
N ALA B 315 -0.85 -16.21 2.59
CA ALA B 315 0.38 -15.86 3.29
C ALA B 315 1.40 -15.40 2.27
N GLY B 316 2.29 -14.48 2.67
CA GLY B 316 3.23 -13.89 1.73
C GLY B 316 4.57 -13.58 2.38
N ALA B 317 5.51 -13.13 1.55
CA ALA B 317 6.81 -12.73 2.05
C ALA B 317 6.63 -11.68 3.16
N GLY B 318 7.56 -11.70 4.12
CA GLY B 318 7.48 -10.69 5.17
C GLY B 318 7.84 -11.12 6.57
N MET B 319 7.17 -12.16 7.09
CA MET B 319 6.04 -12.80 6.45
C MET B 319 4.71 -12.20 6.92
N THR B 320 3.66 -12.35 6.10
CA THR B 320 2.34 -11.88 6.44
C THR B 320 1.33 -12.98 6.14
N GLY B 321 0.18 -12.90 6.78
CA GLY B 321 -0.94 -13.71 6.34
C GLY B 321 -2.25 -13.05 6.62
N GLY B 322 -3.30 -13.74 6.22
CA GLY B 322 -4.60 -13.17 6.40
C GLY B 322 -5.68 -14.14 6.03
N ALA B 323 -6.87 -13.91 6.57
CA ALA B 323 -8.02 -14.70 6.18
C ALA B 323 -9.24 -13.82 6.32
N VAL B 324 -10.21 -14.06 5.45
CA VAL B 324 -11.46 -13.32 5.41
C VAL B 324 -12.56 -14.35 5.23
N VAL B 325 -13.63 -14.21 6.02
CA VAL B 325 -14.88 -14.93 5.79
C VAL B 325 -15.88 -13.96 5.17
N TYR B 326 -16.42 -14.32 4.02
CA TYR B 326 -17.35 -13.46 3.29
C TYR B 326 -18.65 -14.20 3.05
N ARG B 327 -19.77 -13.59 3.45
CA ARG B 327 -21.10 -14.15 3.26
C ARG B 327 -21.79 -13.42 2.10
N VAL B 328 -22.16 -14.17 1.07
CA VAL B 328 -22.82 -13.54 -0.07
C VAL B 328 -24.20 -13.01 0.31
#